data_9BIQ
#
_entry.id   9BIQ
#
_cell.length_a   1.00
_cell.length_b   1.00
_cell.length_c   1.00
_cell.angle_alpha   90.00
_cell.angle_beta   90.00
_cell.angle_gamma   90.00
#
_symmetry.space_group_name_H-M   'P 1'
#
loop_
_entity.id
_entity.type
_entity.pdbx_description
1 polymer 'Uncharacterized MFS-type transporter EfpA'
2 non-polymer N-(7-benzoyl-2,3-dihydro-1,4-benzodioxin-6-yl)-2-bromobenzamide
3 non-polymer '[(2~{R})-3-[[(2~{R})-2,3-bis(oxidanyl)propoxy]-oxidanyl-phosphoryl]oxy-2-hexadecanoyloxy-propyl] octadecanoate'
4 non-polymer 'CHOLESTEROL HEMISUCCINATE'
#
_entity_poly.entity_id   1
_entity_poly.type   'polypeptide(L)'
_entity_poly.pdbx_seq_one_letter_code
;MGSSDYKDDDDKSSGLVPRGSMADLEDNWETLNDNLKVIEKADNAAQVKDALTKMRAAALDAQKATPPKLEDKSPDSPEM
KDFRHGFDILVGQIDDALKLANEGKVKEAQAAAEQLKTTRNAYIQKYLRSFIAAVIAIGGMQLLATMDSTVAIVALPKIQ
NELSLSDAGRSWVITAYVLTFGGLMLLGGRLGDTIGRKRTFIVGVALFTISSVLCAVAWDEATLVIARLSQGVGSAIASP
TGLALVATTFRKGPARNAATAVFAAMTAIGSVMGLVVGGALTEVSWRWAFLVNVPIGLVMIYLARTALRETNKERMKLDA
TGAILATLACTAAVFAFSIGPEKGWMSGITIGSGLVALAAAVAFVIVERTAENPVVPFHLFRDRNRLVTFSAILLAGGVM
FSLTVCIGLYVQDILGYSALRAGVGFIPFVIAMGIGLGVSSQLVSRFSPRVLTIGGGYLLFGAMLYGSFFMHRGVPYFPN
LVMPIVVGGIGIGMAVVPLTLSAIAGVGFDQIGPVSAIALMLQSLGGPLVLAVIQAVITSRTLYLGGTTGPVKFMNDVQL
AALDHAYTYGLLWVAGAAIIVGGMALFIGYTPQQVAHAQEVKEAIDAGELSSENLYFQGHHHHHHHHHH
;
_entity_poly.pdbx_strand_id   A,B
#
# COMPACT_ATOMS: atom_id res chain seq x y z
N ARG A 129 7.80 34.55 23.96
CA ARG A 129 6.86 34.21 25.03
C ARG A 129 5.42 34.38 24.55
N SER A 130 5.21 35.34 23.65
CA SER A 130 3.86 35.58 23.14
C SER A 130 3.44 34.47 22.18
N PHE A 131 4.34 34.03 21.32
CA PHE A 131 4.00 32.96 20.38
C PHE A 131 3.80 31.63 21.11
N ILE A 132 4.66 31.34 22.10
CA ILE A 132 4.58 30.06 22.80
C ILE A 132 3.33 30.01 23.67
N ALA A 133 3.01 31.12 24.35
CA ALA A 133 1.79 31.14 25.14
C ALA A 133 0.57 31.06 24.25
N ALA A 134 0.64 31.59 23.03
CA ALA A 134 -0.51 31.56 22.13
C ALA A 134 -0.79 30.16 21.62
N VAL A 135 0.25 29.46 21.13
CA VAL A 135 0.04 28.13 20.57
C VAL A 135 -0.35 27.13 21.65
N ILE A 136 0.25 27.25 22.84
CA ILE A 136 -0.12 26.36 23.94
C ILE A 136 -1.56 26.61 24.36
N ALA A 137 -1.96 27.89 24.43
CA ALA A 137 -3.33 28.21 24.81
C ALA A 137 -4.33 27.70 23.79
N ILE A 138 -4.03 27.87 22.50
CA ILE A 138 -5.01 27.54 21.46
C ILE A 138 -5.29 26.04 21.46
N GLY A 139 -4.25 25.23 21.57
CA GLY A 139 -4.40 23.79 21.59
C GLY A 139 -4.72 23.21 22.95
N GLY A 140 -5.06 24.04 23.93
CA GLY A 140 -5.30 23.54 25.27
C GLY A 140 -6.51 22.64 25.36
N MET A 141 -7.57 22.95 24.60
CA MET A 141 -8.77 22.14 24.66
C MET A 141 -8.56 20.76 24.07
N GLN A 142 -7.66 20.63 23.08
CA GLN A 142 -7.32 19.32 22.56
C GLN A 142 -6.62 18.48 23.63
N LEU A 143 -5.76 19.10 24.43
CA LEU A 143 -5.15 18.40 25.56
C LEU A 143 -6.21 17.97 26.57
N LEU A 144 -7.15 18.86 26.88
CA LEU A 144 -8.18 18.54 27.88
C LEU A 144 -9.11 17.45 27.37
N ALA A 145 -9.65 17.62 26.16
CA ALA A 145 -10.66 16.68 25.67
C ALA A 145 -10.09 15.29 25.48
N THR A 146 -8.89 15.19 24.91
CA THR A 146 -8.29 13.88 24.68
C THR A 146 -7.88 13.23 25.99
N MET A 147 -7.28 13.99 26.90
CA MET A 147 -6.85 13.44 28.18
C MET A 147 -8.04 12.96 28.99
N ASP A 148 -9.13 13.73 29.01
CA ASP A 148 -10.30 13.33 29.78
C ASP A 148 -10.91 12.05 29.24
N SER A 149 -10.91 11.88 27.92
CA SER A 149 -11.50 10.69 27.33
C SER A 149 -10.75 9.43 27.76
N THR A 150 -9.42 9.49 27.77
CA THR A 150 -8.63 8.31 28.14
C THR A 150 -8.74 8.02 29.62
N VAL A 151 -8.85 9.07 30.46
CA VAL A 151 -9.00 8.86 31.89
C VAL A 151 -10.34 8.20 32.19
N ALA A 152 -11.40 8.61 31.49
CA ALA A 152 -12.69 7.97 31.68
C ALA A 152 -12.65 6.51 31.27
N ILE A 153 -11.91 6.19 30.21
CA ILE A 153 -11.77 4.80 29.77
C ILE A 153 -11.06 3.98 30.85
N VAL A 154 -9.99 4.52 31.42
CA VAL A 154 -9.22 3.79 32.42
C VAL A 154 -10.03 3.62 33.70
N ALA A 155 -10.78 4.64 34.09
CA ALA A 155 -11.48 4.66 35.37
C ALA A 155 -12.89 4.07 35.30
N LEU A 156 -13.34 3.63 34.13
CA LEU A 156 -14.69 3.09 34.02
C LEU A 156 -14.89 1.86 34.88
N PRO A 157 -13.99 0.86 34.89
CA PRO A 157 -14.22 -0.32 35.74
C PRO A 157 -14.36 0.00 37.22
N LYS A 158 -13.60 0.98 37.73
CA LYS A 158 -13.69 1.31 39.15
C LYS A 158 -14.87 2.19 39.49
N ILE A 159 -15.43 2.91 38.51
CA ILE A 159 -16.70 3.59 38.74
C ILE A 159 -17.81 2.59 38.96
N GLN A 160 -17.75 1.45 38.26
CA GLN A 160 -18.77 0.42 38.41
C GLN A 160 -18.77 -0.16 39.81
N ASN A 161 -17.57 -0.47 40.34
CA ASN A 161 -17.50 -1.14 41.63
C ASN A 161 -18.06 -0.27 42.76
N GLU A 162 -18.02 1.05 42.59
CA GLU A 162 -18.46 1.97 43.64
C GLU A 162 -19.90 2.43 43.43
N LEU A 163 -20.18 3.08 42.31
CA LEU A 163 -21.52 3.56 42.06
C LEU A 163 -22.49 2.41 41.80
N SER A 164 -21.99 1.25 41.34
CA SER A 164 -22.81 0.09 41.05
C SER A 164 -23.90 0.42 40.04
N LEU A 165 -23.49 1.04 38.93
CA LEU A 165 -24.41 1.46 37.89
C LEU A 165 -24.72 0.36 36.88
N SER A 166 -24.19 -0.84 37.08
CA SER A 166 -24.51 -1.99 36.24
C SER A 166 -23.93 -1.84 34.84
N ASP A 167 -24.16 -2.83 33.98
CA ASP A 167 -23.62 -2.78 32.63
C ASP A 167 -24.39 -1.83 31.75
N ALA A 168 -25.68 -1.62 32.02
CA ALA A 168 -26.46 -0.68 31.22
C ALA A 168 -25.90 0.73 31.35
N GLY A 169 -25.53 1.13 32.56
CA GLY A 169 -24.96 2.45 32.80
C GLY A 169 -23.50 2.58 32.47
N ARG A 170 -22.82 1.47 32.14
CA ARG A 170 -21.41 1.55 31.77
C ARG A 170 -21.20 2.44 30.56
N SER A 171 -22.09 2.34 29.57
CA SER A 171 -21.96 3.14 28.36
C SER A 171 -22.61 4.51 28.47
N TRP A 172 -23.49 4.73 29.45
CA TRP A 172 -24.17 6.02 29.55
C TRP A 172 -23.21 7.12 29.96
N VAL A 173 -22.16 6.79 30.72
CA VAL A 173 -21.15 7.80 31.05
C VAL A 173 -20.35 8.18 29.80
N ILE A 174 -20.08 7.20 28.93
CA ILE A 174 -19.35 7.51 27.71
C ILE A 174 -20.28 8.14 26.68
N THR A 175 -21.48 7.59 26.49
CA THR A 175 -22.36 8.10 25.45
C THR A 175 -22.97 9.44 25.82
N ALA A 176 -23.07 9.75 27.12
CA ALA A 176 -23.59 11.05 27.52
C ALA A 176 -22.69 12.18 27.04
N TYR A 177 -21.38 12.01 27.23
CA TYR A 177 -20.42 12.99 26.70
C TYR A 177 -20.50 13.06 25.18
N VAL A 178 -20.50 11.90 24.52
CA VAL A 178 -20.51 11.85 23.07
C VAL A 178 -21.83 12.37 22.51
N LEU A 179 -22.94 12.11 23.22
CA LEU A 179 -24.24 12.51 22.71
C LEU A 179 -24.34 14.01 22.53
N THR A 180 -23.90 14.76 23.53
CA THR A 180 -23.97 16.22 23.48
C THR A 180 -22.74 16.85 22.85
N PHE A 181 -21.61 16.14 22.85
CA PHE A 181 -20.42 16.61 22.16
C PHE A 181 -20.64 16.66 20.66
N GLY A 182 -21.25 15.61 20.11
CA GLY A 182 -21.61 15.64 18.70
C GLY A 182 -22.87 16.43 18.42
N GLY A 183 -23.79 16.47 19.38
CA GLY A 183 -25.03 17.21 19.15
C GLY A 183 -24.82 18.70 19.00
N LEU A 184 -24.01 19.30 19.88
CA LEU A 184 -23.83 20.74 19.91
C LEU A 184 -22.63 21.23 19.11
N MET A 185 -21.86 20.34 18.48
CA MET A 185 -20.64 20.78 17.81
C MET A 185 -20.96 21.74 16.67
N LEU A 186 -21.98 21.45 15.88
CA LEU A 186 -22.29 22.28 14.73
C LEU A 186 -22.81 23.65 15.16
N LEU A 187 -23.52 23.72 16.28
CA LEU A 187 -23.94 25.01 16.82
C LEU A 187 -22.74 25.78 17.36
N GLY A 188 -21.75 25.08 17.91
CA GLY A 188 -20.59 25.74 18.47
C GLY A 188 -19.66 26.35 17.46
N GLY A 189 -19.71 25.87 16.21
CA GLY A 189 -18.89 26.48 15.16
C GLY A 189 -19.34 27.90 14.84
N ARG A 190 -20.64 28.10 14.70
CA ARG A 190 -21.20 29.40 14.38
C ARG A 190 -21.31 30.29 15.62
N LEU A 191 -21.06 29.76 16.81
CA LEU A 191 -21.23 30.55 18.03
C LEU A 191 -20.13 31.58 18.21
N GLY A 192 -18.94 31.32 17.68
CA GLY A 192 -17.85 32.29 17.79
C GLY A 192 -18.04 33.52 16.92
N ASP A 193 -18.87 33.42 15.88
CA ASP A 193 -19.10 34.56 15.00
C ASP A 193 -20.05 35.58 15.64
N THR A 194 -20.96 35.15 16.50
CA THR A 194 -21.95 36.03 17.09
C THR A 194 -21.58 36.53 18.49
N ILE A 195 -20.63 35.88 19.17
CA ILE A 195 -20.22 36.26 20.51
C ILE A 195 -18.74 36.61 20.58
N GLY A 196 -17.89 35.86 19.88
CA GLY A 196 -16.46 36.09 19.89
C GLY A 196 -15.70 34.79 20.02
N ARG A 197 -14.60 34.64 19.29
CA ARG A 197 -13.85 33.38 19.35
C ARG A 197 -13.02 33.27 20.62
N LYS A 198 -12.48 34.38 21.12
CA LYS A 198 -11.73 34.31 22.37
C LYS A 198 -12.67 34.11 23.55
N ARG A 199 -13.78 34.87 23.59
CA ARG A 199 -14.75 34.68 24.67
C ARG A 199 -15.34 33.29 24.64
N THR A 200 -15.65 32.77 23.44
CA THR A 200 -16.19 31.42 23.34
C THR A 200 -15.19 30.39 23.84
N PHE A 201 -13.90 30.60 23.57
CA PHE A 201 -12.88 29.67 24.01
C PHE A 201 -12.78 29.62 25.53
N ILE A 202 -12.81 30.78 26.20
CA ILE A 202 -12.72 30.80 27.65
C ILE A 202 -13.98 30.25 28.28
N VAL A 203 -15.15 30.63 27.75
CA VAL A 203 -16.40 30.13 28.29
C VAL A 203 -16.48 28.61 28.14
N GLY A 204 -16.13 28.10 26.97
CA GLY A 204 -16.19 26.67 26.75
C GLY A 204 -15.23 25.89 27.63
N VAL A 205 -13.98 26.36 27.72
CA VAL A 205 -12.99 25.67 28.55
C VAL A 205 -13.35 25.79 30.02
N ALA A 206 -13.92 26.92 30.42
CA ALA A 206 -14.30 27.11 31.82
C ALA A 206 -15.43 26.16 32.21
N LEU A 207 -16.39 25.97 31.31
CA LEU A 207 -17.48 25.03 31.60
C LEU A 207 -16.99 23.58 31.60
N PHE A 208 -15.99 23.26 30.79
CA PHE A 208 -15.37 21.94 30.88
C PHE A 208 -14.63 21.77 32.20
N THR A 209 -13.92 22.81 32.65
CA THR A 209 -13.20 22.72 33.91
C THR A 209 -14.16 22.58 35.09
N ILE A 210 -15.20 23.40 35.11
CA ILE A 210 -16.17 23.33 36.20
C ILE A 210 -16.86 21.98 36.22
N SER A 211 -17.17 21.43 35.04
CA SER A 211 -17.87 20.16 34.97
C SER A 211 -17.00 19.01 35.49
N SER A 212 -15.68 19.12 35.34
CA SER A 212 -14.80 18.06 35.84
C SER A 212 -14.82 17.99 37.36
N VAL A 213 -14.97 19.13 38.04
CA VAL A 213 -15.04 19.11 39.49
C VAL A 213 -16.34 18.48 39.96
N LEU A 214 -17.44 18.81 39.26
CA LEU A 214 -18.72 18.17 39.56
C LEU A 214 -18.69 16.68 39.21
N CYS A 215 -18.00 16.31 38.14
CA CYS A 215 -17.89 14.91 37.76
C CYS A 215 -17.13 14.11 38.81
N ALA A 216 -16.20 14.74 39.53
CA ALA A 216 -15.37 14.06 40.51
C ALA A 216 -16.01 13.92 41.87
N VAL A 217 -17.19 14.51 42.09
CA VAL A 217 -17.89 14.42 43.37
C VAL A 217 -19.27 13.82 43.13
N ALA A 218 -19.39 12.98 42.11
CA ALA A 218 -20.68 12.43 41.74
C ALA A 218 -21.25 11.58 42.88
N TRP A 219 -22.53 11.79 43.16
CA TRP A 219 -23.18 11.02 44.22
C TRP A 219 -23.69 9.68 43.70
N ASP A 220 -24.34 9.68 42.54
CA ASP A 220 -25.01 8.48 42.04
C ASP A 220 -24.99 8.50 40.52
N GLU A 221 -25.77 7.60 39.90
CA GLU A 221 -25.73 7.46 38.45
C GLU A 221 -26.26 8.70 37.75
N ALA A 222 -27.36 9.26 38.24
CA ALA A 222 -27.96 10.42 37.56
C ALA A 222 -26.99 11.59 37.51
N THR A 223 -26.33 11.90 38.63
CA THR A 223 -25.46 13.06 38.68
C THR A 223 -24.22 12.85 37.81
N LEU A 224 -23.70 11.63 37.73
CA LEU A 224 -22.57 11.38 36.85
C LEU A 224 -22.95 11.62 35.39
N VAL A 225 -24.20 11.30 35.03
CA VAL A 225 -24.66 11.53 33.67
C VAL A 225 -24.74 13.02 33.38
N ILE A 226 -25.31 13.79 34.30
CA ILE A 226 -25.42 15.24 34.11
C ILE A 226 -24.02 15.87 34.05
N ALA A 227 -23.08 15.35 34.85
CA ALA A 227 -21.73 15.89 34.83
C ALA A 227 -21.04 15.62 33.50
N ARG A 228 -21.27 14.44 32.91
CA ARG A 228 -20.68 14.14 31.61
C ARG A 228 -21.37 14.91 30.50
N LEU A 229 -22.68 15.15 30.63
CA LEU A 229 -23.36 16.00 29.65
C LEU A 229 -22.78 17.40 29.65
N SER A 230 -22.50 17.95 30.83
CA SER A 230 -21.99 19.30 30.91
C SER A 230 -20.59 19.42 30.32
N GLN A 231 -19.77 18.38 30.47
CA GLN A 231 -18.43 18.41 29.89
C GLN A 231 -18.51 18.46 28.36
N GLY A 232 -19.40 17.66 27.77
CA GLY A 232 -19.51 17.66 26.32
C GLY A 232 -20.00 18.98 25.77
N VAL A 233 -20.91 19.64 26.48
CA VAL A 233 -21.38 20.95 26.04
C VAL A 233 -20.24 21.96 26.05
N GLY A 234 -19.41 21.93 27.10
CA GLY A 234 -18.24 22.80 27.14
C GLY A 234 -17.22 22.43 26.08
N SER A 235 -17.07 21.14 25.78
CA SER A 235 -16.13 20.73 24.75
C SER A 235 -16.68 21.01 23.36
N ALA A 236 -17.99 20.89 23.19
CA ALA A 236 -18.59 21.21 21.89
C ALA A 236 -18.46 22.68 21.56
N ILE A 237 -18.47 23.54 22.58
CA ILE A 237 -18.36 24.97 22.35
C ILE A 237 -16.92 25.38 22.10
N ALA A 238 -15.97 24.71 22.77
CA ALA A 238 -14.58 25.11 22.72
C ALA A 238 -13.79 24.45 21.60
N SER A 239 -14.07 23.19 21.28
CA SER A 239 -13.25 22.48 20.30
C SER A 239 -13.31 23.10 18.91
N PRO A 240 -14.48 23.38 18.33
CA PRO A 240 -14.49 24.06 17.03
C PRO A 240 -13.82 25.42 17.08
N THR A 241 -13.97 26.14 18.19
CA THR A 241 -13.35 27.44 18.32
C THR A 241 -11.84 27.34 18.44
N GLY A 242 -11.34 26.24 19.02
CA GLY A 242 -9.90 26.07 19.12
C GLY A 242 -9.23 25.99 17.76
N LEU A 243 -9.83 25.23 16.84
CA LEU A 243 -9.28 25.13 15.50
C LEU A 243 -9.56 26.40 14.70
N ALA A 244 -10.64 27.11 15.00
CA ALA A 244 -10.88 28.41 14.39
C ALA A 244 -9.84 29.42 14.85
N LEU A 245 -9.43 29.35 16.11
CA LEU A 245 -8.37 30.23 16.61
C LEU A 245 -7.08 30.00 15.86
N VAL A 246 -6.76 28.74 15.54
CA VAL A 246 -5.55 28.45 14.78
C VAL A 246 -5.58 29.16 13.43
N ALA A 247 -6.75 29.16 12.79
CA ALA A 247 -6.84 29.74 11.46
C ALA A 247 -6.77 31.26 11.50
N THR A 248 -7.38 31.88 12.51
CA THR A 248 -7.53 33.33 12.54
C THR A 248 -6.40 34.01 13.31
N THR A 249 -5.88 33.40 14.37
CA THR A 249 -4.85 34.05 15.16
C THR A 249 -3.54 34.20 14.37
N PHE A 250 -3.13 33.14 13.68
CA PHE A 250 -1.82 33.09 13.03
C PHE A 250 -1.98 33.26 11.53
N ARG A 251 -1.25 34.22 10.97
CA ARG A 251 -1.27 34.45 9.54
C ARG A 251 -0.71 33.23 8.81
N LYS A 252 -1.17 33.05 7.58
CA LYS A 252 -0.65 31.97 6.75
C LYS A 252 0.85 32.15 6.56
N GLY A 253 1.59 31.06 6.69
CA GLY A 253 3.04 31.11 6.63
C GLY A 253 3.66 30.18 7.64
N PRO A 254 4.91 30.44 8.03
CA PRO A 254 5.54 29.58 9.04
C PRO A 254 4.87 29.65 10.40
N ALA A 255 4.14 30.73 10.69
CA ALA A 255 3.45 30.83 11.97
C ALA A 255 2.30 29.82 12.05
N ARG A 256 1.50 29.74 10.99
CA ARG A 256 0.39 28.79 10.99
C ARG A 256 0.88 27.35 10.95
N ASN A 257 1.97 27.09 10.22
CA ASN A 257 2.51 25.74 10.15
C ASN A 257 3.01 25.26 11.50
N ALA A 258 3.72 26.13 12.23
CA ALA A 258 4.18 25.77 13.57
C ALA A 258 3.02 25.65 14.55
N ALA A 259 2.03 26.53 14.45
CA ALA A 259 0.87 26.44 15.33
C ALA A 259 0.07 25.18 15.06
N THR A 260 -0.03 24.77 13.80
CA THR A 260 -0.75 23.54 13.47
C THR A 260 -0.04 22.32 14.06
N ALA A 261 1.30 22.31 14.00
CA ALA A 261 2.05 21.20 14.57
C ALA A 261 1.84 21.11 16.08
N VAL A 262 1.86 22.24 16.77
CA VAL A 262 1.64 22.24 18.22
C VAL A 262 0.20 21.87 18.55
N PHE A 263 -0.75 22.33 17.73
CA PHE A 263 -2.15 22.00 17.95
C PHE A 263 -2.37 20.49 17.86
N ALA A 264 -1.75 19.85 16.87
CA ALA A 264 -1.83 18.39 16.74
C ALA A 264 -0.92 17.68 17.73
N ALA A 265 0.19 18.31 18.14
CA ALA A 265 1.10 17.67 19.06
C ALA A 265 0.44 17.42 20.41
N MET A 266 -0.32 18.40 20.90
CA MET A 266 -0.92 18.31 22.22
C MET A 266 -2.15 17.43 22.26
N THR A 267 -2.67 17.00 21.11
CA THR A 267 -3.70 15.97 21.13
C THR A 267 -3.12 14.64 21.55
N ALA A 268 -1.93 14.30 21.06
CA ALA A 268 -1.28 13.04 21.44
C ALA A 268 -0.65 13.11 22.82
N ILE A 269 -0.13 14.28 23.23
CA ILE A 269 0.37 14.42 24.59
C ILE A 269 -0.76 14.23 25.59
N GLY A 270 -1.95 14.74 25.27
CA GLY A 270 -3.07 14.57 26.17
C GLY A 270 -3.49 13.12 26.33
N SER A 271 -3.52 12.37 25.24
CA SER A 271 -3.94 10.97 25.31
C SER A 271 -2.98 10.15 26.16
N VAL A 272 -1.68 10.32 25.94
CA VAL A 272 -0.70 9.55 26.70
C VAL A 272 -0.70 9.98 28.17
N MET A 273 -0.92 11.27 28.43
CA MET A 273 -1.01 11.73 29.82
C MET A 273 -2.22 11.13 30.50
N GLY A 274 -3.32 10.94 29.78
CA GLY A 274 -4.48 10.31 30.37
C GLY A 274 -4.21 8.90 30.83
N LEU A 275 -3.41 8.15 30.07
CA LEU A 275 -3.01 6.82 30.51
C LEU A 275 -2.10 6.90 31.73
N VAL A 276 -1.06 7.74 31.67
CA VAL A 276 -0.09 7.80 32.76
C VAL A 276 -0.75 8.31 34.04
N VAL A 277 -1.49 9.42 33.94
CA VAL A 277 -2.18 9.94 35.12
C VAL A 277 -3.34 9.04 35.50
N GLY A 278 -4.12 8.59 34.52
CA GLY A 278 -5.24 7.72 34.82
C GLY A 278 -4.71 6.50 35.53
N GLY A 279 -3.70 5.85 34.98
CA GLY A 279 -3.21 4.58 35.50
C GLY A 279 -2.36 4.70 36.74
N ALA A 280 -1.80 5.89 36.99
CA ALA A 280 -0.91 6.07 38.14
C ALA A 280 -1.69 6.18 39.44
N LEU A 281 -2.64 7.12 39.49
CA LEU A 281 -3.41 7.38 40.71
C LEU A 281 -4.84 6.88 40.60
N THR A 282 -5.12 5.92 39.72
CA THR A 282 -6.38 5.19 39.80
C THR A 282 -6.41 4.32 41.05
N GLU A 283 -5.24 3.93 41.54
CA GLU A 283 -5.19 3.00 42.67
C GLU A 283 -5.83 3.63 43.91
N VAL A 284 -5.48 4.88 44.20
CA VAL A 284 -6.00 5.53 45.40
C VAL A 284 -7.50 5.79 45.25
N SER A 285 -7.91 6.39 44.14
CA SER A 285 -9.32 6.63 43.88
C SER A 285 -9.46 7.21 42.49
N TRP A 286 -10.56 6.87 41.83
CA TRP A 286 -10.81 7.38 40.48
C TRP A 286 -11.25 8.83 40.48
N ARG A 287 -11.78 9.32 41.60
CA ARG A 287 -12.22 10.71 41.68
C ARG A 287 -11.05 11.66 41.51
N TRP A 288 -9.88 11.31 42.06
CA TRP A 288 -8.70 12.15 41.89
C TRP A 288 -8.26 12.23 40.44
N ALA A 289 -8.62 11.25 39.62
CA ALA A 289 -8.23 11.27 38.21
C ALA A 289 -8.93 12.40 37.48
N PHE A 290 -10.19 12.66 37.80
CA PHE A 290 -10.92 13.74 37.14
C PHE A 290 -10.55 15.11 37.67
N LEU A 291 -10.08 15.23 38.92
CA LEU A 291 -9.65 16.52 39.42
C LEU A 291 -8.33 16.98 38.81
N VAL A 292 -7.61 16.10 38.11
CA VAL A 292 -6.34 16.52 37.52
C VAL A 292 -6.57 17.49 36.36
N ASN A 293 -7.78 17.53 35.80
CA ASN A 293 -8.07 18.44 34.71
C ASN A 293 -8.24 19.88 35.15
N VAL A 294 -8.32 20.15 36.45
CA VAL A 294 -8.58 21.50 36.94
C VAL A 294 -7.29 22.33 36.92
N PRO A 295 -6.16 21.82 37.41
CA PRO A 295 -4.91 22.60 37.23
C PRO A 295 -4.59 22.88 35.77
N ILE A 296 -4.82 21.93 34.87
CA ILE A 296 -4.58 22.18 33.46
C ILE A 296 -5.67 23.09 32.89
N GLY A 297 -6.91 22.90 33.33
CA GLY A 297 -7.99 23.74 32.83
C GLY A 297 -7.79 25.20 33.19
N LEU A 298 -7.30 25.47 34.39
CA LEU A 298 -7.10 26.85 34.83
C LEU A 298 -5.95 27.51 34.08
N VAL A 299 -4.84 26.78 33.88
CA VAL A 299 -3.67 27.41 33.28
C VAL A 299 -3.93 27.71 31.81
N MET A 300 -4.70 26.87 31.12
CA MET A 300 -5.02 27.15 29.72
C MET A 300 -5.95 28.35 29.60
N ILE A 301 -6.80 28.58 30.59
CA ILE A 301 -7.61 29.79 30.61
C ILE A 301 -6.75 31.01 30.87
N TYR A 302 -5.79 30.89 31.81
CA TYR A 302 -4.90 32.02 32.08
C TYR A 302 -4.05 32.34 30.85
N LEU A 303 -3.50 31.33 30.19
CA LEU A 303 -2.70 31.58 29.00
C LEU A 303 -3.56 32.18 27.90
N ALA A 304 -4.76 31.65 27.70
CA ALA A 304 -5.63 32.18 26.66
C ALA A 304 -6.07 33.60 26.97
N ARG A 305 -6.17 33.96 28.24
CA ARG A 305 -6.56 35.32 28.59
C ARG A 305 -5.44 36.32 28.32
N THR A 306 -4.20 35.93 28.60
CA THR A 306 -3.06 36.83 28.55
C THR A 306 -2.18 36.61 27.32
N ALA A 307 -2.63 35.84 26.34
CA ALA A 307 -1.85 35.60 25.13
C ALA A 307 -2.67 35.61 23.85
N LEU A 308 -3.98 35.82 23.91
CA LEU A 308 -4.83 35.93 22.73
C LEU A 308 -5.52 37.29 22.73
N ARG A 309 -5.60 37.90 21.55
CA ARG A 309 -6.20 39.21 21.37
C ARG A 309 -7.61 39.05 20.84
N GLU A 310 -8.57 39.72 21.47
CA GLU A 310 -9.96 39.68 21.03
C GLU A 310 -10.10 40.63 19.84
N THR A 311 -9.99 40.08 18.63
CA THR A 311 -10.08 40.88 17.42
C THR A 311 -11.52 41.37 17.27
N ASN A 312 -11.74 42.66 17.53
CA ASN A 312 -13.09 43.22 17.57
C ASN A 312 -13.61 43.35 16.15
N LYS A 313 -14.39 42.36 15.71
CA LYS A 313 -15.14 42.40 14.48
C LYS A 313 -16.62 42.60 14.79
N GLU A 314 -17.37 43.02 13.78
CA GLU A 314 -18.82 43.15 13.95
C GLU A 314 -19.43 41.79 14.24
N ARG A 315 -20.27 41.73 15.27
CA ARG A 315 -20.93 40.49 15.60
C ARG A 315 -21.99 40.16 14.55
N MET A 316 -22.04 38.89 14.17
CA MET A 316 -22.91 38.42 13.10
C MET A 316 -24.07 37.67 13.72
N LYS A 317 -25.29 37.95 13.23
CA LYS A 317 -26.47 37.34 13.80
C LYS A 317 -26.42 35.83 13.67
N LEU A 318 -26.99 35.14 14.65
CA LEU A 318 -27.00 33.69 14.67
C LEU A 318 -28.22 33.16 13.92
N ASP A 319 -28.05 31.96 13.34
CA ASP A 319 -29.16 31.27 12.69
C ASP A 319 -29.95 30.53 13.75
N ALA A 320 -31.18 30.98 14.01
CA ALA A 320 -31.98 30.37 15.07
C ALA A 320 -32.55 29.03 14.61
N THR A 321 -33.37 29.04 13.55
CA THR A 321 -34.01 27.82 13.09
C THR A 321 -32.99 26.81 12.59
N GLY A 322 -31.98 27.28 11.86
CA GLY A 322 -30.99 26.36 11.32
C GLY A 322 -30.17 25.69 12.42
N ALA A 323 -29.77 26.44 13.44
CA ALA A 323 -28.99 25.86 14.52
C ALA A 323 -29.83 24.91 15.36
N ILE A 324 -31.11 25.21 15.54
CA ILE A 324 -31.98 24.35 16.33
C ILE A 324 -32.17 23.01 15.63
N LEU A 325 -32.48 23.04 14.34
CA LEU A 325 -32.70 21.79 13.61
C LEU A 325 -31.40 20.99 13.49
N ALA A 326 -30.28 21.67 13.32
CA ALA A 326 -28.99 20.96 13.25
C ALA A 326 -28.68 20.26 14.55
N THR A 327 -28.91 20.94 15.68
CA THR A 327 -28.67 20.33 16.98
C THR A 327 -29.63 19.17 17.24
N LEU A 328 -30.90 19.34 16.87
CA LEU A 328 -31.87 18.26 17.02
C LEU A 328 -31.52 17.06 16.15
N ALA A 329 -31.14 17.31 14.90
CA ALA A 329 -30.83 16.21 13.99
C ALA A 329 -29.60 15.43 14.44
N CYS A 330 -28.56 16.14 14.89
CA CYS A 330 -27.34 15.46 15.28
C CYS A 330 -27.51 14.69 16.58
N THR A 331 -28.18 15.28 17.57
CA THR A 331 -28.39 14.59 18.84
C THR A 331 -29.26 13.36 18.66
N ALA A 332 -30.35 13.48 17.90
CA ALA A 332 -31.23 12.33 17.69
C ALA A 332 -30.51 11.22 16.93
N ALA A 333 -29.69 11.58 15.95
CA ALA A 333 -28.93 10.57 15.21
C ALA A 333 -27.96 9.83 16.12
N VAL A 334 -27.29 10.56 17.02
CA VAL A 334 -26.35 9.92 17.94
C VAL A 334 -27.12 9.10 18.98
N PHE A 335 -28.25 9.60 19.45
CA PHE A 335 -29.04 8.86 20.43
C PHE A 335 -29.53 7.54 19.85
N ALA A 336 -30.03 7.57 18.62
CA ALA A 336 -30.51 6.33 17.99
C ALA A 336 -29.37 5.36 17.76
N PHE A 337 -28.21 5.86 17.29
CA PHE A 337 -27.07 4.99 17.05
C PHE A 337 -26.55 4.38 18.35
N SER A 338 -26.56 5.17 19.43
CA SER A 338 -26.05 4.68 20.71
C SER A 338 -27.01 3.68 21.33
N ILE A 339 -28.32 3.98 21.30
CA ILE A 339 -29.30 3.13 21.97
C ILE A 339 -29.70 1.92 21.15
N GLY A 340 -29.17 1.77 19.93
CA GLY A 340 -29.51 0.66 19.08
C GLY A 340 -29.10 -0.67 19.67
N PRO A 341 -27.79 -0.86 19.89
CA PRO A 341 -27.34 -2.13 20.50
C PRO A 341 -28.00 -2.46 21.83
N GLU A 342 -28.27 -1.45 22.67
CA GLU A 342 -28.87 -1.72 23.97
C GLU A 342 -30.29 -2.26 23.84
N LYS A 343 -31.12 -1.58 23.05
CA LYS A 343 -32.53 -1.94 22.91
C LYS A 343 -32.84 -2.73 21.65
N GLY A 344 -32.03 -2.60 20.60
CA GLY A 344 -32.23 -3.31 19.35
C GLY A 344 -32.31 -2.33 18.19
N TRP A 345 -31.93 -2.82 17.01
CA TRP A 345 -31.90 -1.98 15.82
C TRP A 345 -33.28 -1.78 15.19
N MET A 346 -34.31 -2.45 15.71
CA MET A 346 -35.64 -2.35 15.12
C MET A 346 -36.76 -2.26 16.15
N SER A 347 -36.44 -2.01 17.42
CA SER A 347 -37.46 -2.01 18.46
C SER A 347 -38.56 -0.99 18.18
N GLY A 348 -38.17 0.24 17.86
CA GLY A 348 -39.13 1.31 17.65
C GLY A 348 -38.66 2.61 18.26
N ILE A 349 -37.87 2.51 19.33
CA ILE A 349 -37.20 3.69 19.87
C ILE A 349 -35.92 3.99 19.12
N THR A 350 -35.34 3.00 18.42
CA THR A 350 -34.16 3.23 17.61
C THR A 350 -34.52 3.89 16.29
N ILE A 351 -35.31 3.20 15.46
CA ILE A 351 -35.78 3.78 14.21
C ILE A 351 -36.72 4.94 14.48
N GLY A 352 -37.43 4.93 15.60
CA GLY A 352 -38.27 6.06 15.96
C GLY A 352 -37.47 7.34 16.14
N SER A 353 -36.34 7.24 16.85
CA SER A 353 -35.46 8.39 16.98
C SER A 353 -34.73 8.68 15.68
N GLY A 354 -34.35 7.64 14.95
CA GLY A 354 -33.76 7.84 13.63
C GLY A 354 -34.72 8.54 12.68
N LEU A 355 -36.02 8.27 12.81
CA LEU A 355 -37.01 9.00 12.03
C LEU A 355 -36.98 10.48 12.36
N VAL A 356 -36.85 10.83 13.65
CA VAL A 356 -36.75 12.23 14.03
C VAL A 356 -35.47 12.85 13.48
N ALA A 357 -34.37 12.09 13.50
CA ALA A 357 -33.13 12.61 12.95
C ALA A 357 -33.25 12.89 11.46
N LEU A 358 -33.90 11.99 10.72
CA LEU A 358 -34.10 12.19 9.29
C LEU A 358 -35.03 13.36 9.01
N ALA A 359 -36.12 13.48 9.78
CA ALA A 359 -37.05 14.58 9.59
C ALA A 359 -36.39 15.92 9.91
N ALA A 360 -35.61 15.98 10.99
CA ALA A 360 -34.88 17.20 11.30
C ALA A 360 -33.81 17.50 10.26
N ALA A 361 -33.11 16.47 9.80
CA ALA A 361 -32.05 16.69 8.80
C ALA A 361 -32.63 17.24 7.51
N VAL A 362 -33.76 16.69 7.06
CA VAL A 362 -34.39 17.18 5.84
C VAL A 362 -34.87 18.62 6.01
N ALA A 363 -35.51 18.91 7.14
CA ALA A 363 -35.98 20.27 7.39
C ALA A 363 -34.80 21.23 7.50
N PHE A 364 -33.70 20.79 8.10
CA PHE A 364 -32.52 21.64 8.20
C PHE A 364 -31.97 22.00 6.84
N VAL A 365 -31.92 21.02 5.92
CA VAL A 365 -31.42 21.28 4.58
C VAL A 365 -32.35 22.22 3.83
N ILE A 366 -33.66 22.12 4.07
CA ILE A 366 -34.61 22.96 3.36
C ILE A 366 -34.47 24.43 3.80
N VAL A 367 -34.39 24.67 5.12
CA VAL A 367 -34.31 26.05 5.59
C VAL A 367 -32.93 26.66 5.39
N GLU A 368 -31.89 25.83 5.23
CA GLU A 368 -30.57 26.37 4.94
C GLU A 368 -30.48 26.95 3.53
N ARG A 369 -31.48 26.70 2.70
CA ARG A 369 -31.49 27.25 1.34
C ARG A 369 -31.56 28.78 1.36
N THR A 370 -32.52 29.33 2.11
CA THR A 370 -32.70 30.78 2.24
C THR A 370 -32.25 31.30 3.59
N ALA A 371 -31.19 30.74 4.18
CA ALA A 371 -30.75 31.09 5.52
C ALA A 371 -29.63 32.12 5.44
N GLU A 372 -29.84 33.27 6.08
CA GLU A 372 -28.79 34.26 6.23
C GLU A 372 -27.86 33.84 7.36
N ASN A 373 -26.55 33.85 7.08
CA ASN A 373 -25.54 33.42 8.04
C ASN A 373 -25.75 31.95 8.37
N PRO A 374 -25.57 31.04 7.42
CA PRO A 374 -25.97 29.66 7.63
C PRO A 374 -25.02 28.90 8.54
N VAL A 375 -25.57 27.91 9.24
CA VAL A 375 -24.77 27.08 10.14
C VAL A 375 -23.88 26.14 9.34
N VAL A 376 -24.33 25.68 8.19
CA VAL A 376 -23.53 24.85 7.29
C VAL A 376 -23.64 25.44 5.88
N PRO A 377 -22.59 26.09 5.35
CA PRO A 377 -22.67 26.57 3.96
C PRO A 377 -22.47 25.46 2.94
N PHE A 378 -23.55 24.76 2.57
CA PHE A 378 -23.45 23.65 1.64
C PHE A 378 -22.79 24.06 0.33
N HIS A 379 -23.00 25.30 -0.11
CA HIS A 379 -22.36 25.76 -1.34
C HIS A 379 -20.85 25.75 -1.24
N LEU A 380 -20.31 25.86 -0.03
CA LEU A 380 -18.87 25.95 0.15
C LEU A 380 -18.17 24.66 -0.21
N PHE A 381 -18.84 23.52 -0.02
CA PHE A 381 -18.24 22.22 -0.31
C PHE A 381 -18.57 21.77 -1.74
N ARG A 382 -18.15 22.61 -2.69
CA ARG A 382 -18.30 22.32 -4.11
C ARG A 382 -17.02 22.63 -4.88
N ASP A 383 -15.89 22.77 -4.20
CA ASP A 383 -14.64 23.13 -4.85
C ASP A 383 -13.90 21.93 -5.43
N ARG A 384 -14.37 20.71 -5.15
CA ARG A 384 -13.83 19.47 -5.71
C ARG A 384 -12.51 19.07 -5.07
N ASN A 385 -11.96 19.91 -4.19
CA ASN A 385 -10.86 19.54 -3.32
C ASN A 385 -11.13 19.86 -1.86
N ARG A 386 -12.20 20.61 -1.56
CA ARG A 386 -12.76 20.64 -0.22
C ARG A 386 -13.53 19.36 0.08
N LEU A 387 -14.32 18.89 -0.88
CA LEU A 387 -15.01 17.61 -0.72
C LEU A 387 -14.02 16.47 -0.58
N VAL A 388 -12.98 16.46 -1.40
CA VAL A 388 -11.98 15.40 -1.33
C VAL A 388 -11.23 15.48 0.00
N THR A 389 -10.82 16.67 0.40
CA THR A 389 -10.10 16.81 1.67
C THR A 389 -10.99 16.44 2.85
N PHE A 390 -12.25 16.84 2.82
CA PHE A 390 -13.14 16.55 3.94
C PHE A 390 -13.59 15.10 3.95
N SER A 391 -13.62 14.44 2.79
CA SER A 391 -13.84 13.00 2.77
C SER A 391 -12.61 12.25 3.27
N ALA A 392 -11.43 12.83 3.09
CA ALA A 392 -10.21 12.18 3.57
C ALA A 392 -10.17 12.16 5.10
N ILE A 393 -10.42 13.30 5.74
CA ILE A 393 -10.32 13.35 7.20
C ILE A 393 -11.46 12.56 7.84
N LEU A 394 -12.58 12.40 7.14
CA LEU A 394 -13.66 11.56 7.67
C LEU A 394 -13.21 10.11 7.82
N LEU A 395 -12.66 9.54 6.74
CA LEU A 395 -12.20 8.16 6.78
C LEU A 395 -10.80 8.03 7.37
N ALA A 396 -9.97 9.06 7.25
CA ALA A 396 -8.69 9.04 7.95
C ALA A 396 -8.90 9.05 9.45
N GLY A 397 -9.86 9.84 9.92
CA GLY A 397 -10.20 9.83 11.34
C GLY A 397 -10.77 8.49 11.77
N GLY A 398 -11.55 7.86 10.89
CA GLY A 398 -12.06 6.53 11.20
C GLY A 398 -10.95 5.50 11.31
N VAL A 399 -9.94 5.60 10.45
CA VAL A 399 -8.80 4.70 10.54
C VAL A 399 -8.04 4.93 11.83
N MET A 400 -7.84 6.20 12.21
CA MET A 400 -7.07 6.49 13.42
C MET A 400 -7.81 6.03 14.67
N PHE A 401 -9.12 6.26 14.72
CA PHE A 401 -9.89 5.88 15.91
C PHE A 401 -9.90 4.38 16.11
N SER A 402 -10.12 3.62 15.03
CA SER A 402 -10.11 2.17 15.15
C SER A 402 -8.72 1.64 15.51
N LEU A 403 -7.68 2.36 15.11
CA LEU A 403 -6.32 1.91 15.41
C LEU A 403 -6.01 2.05 16.89
N THR A 404 -6.42 3.16 17.52
CA THR A 404 -6.16 3.34 18.94
C THR A 404 -7.03 2.40 19.78
N VAL A 405 -8.30 2.24 19.40
CA VAL A 405 -9.18 1.35 20.15
C VAL A 405 -8.70 -0.09 20.05
N CYS A 406 -8.34 -0.53 18.85
CA CYS A 406 -7.88 -1.90 18.66
C CYS A 406 -6.55 -2.13 19.36
N ILE A 407 -5.61 -1.20 19.24
CA ILE A 407 -4.34 -1.34 19.94
C ILE A 407 -4.54 -1.23 21.44
N GLY A 408 -5.48 -0.38 21.88
CA GLY A 408 -5.72 -0.25 23.30
C GLY A 408 -6.25 -1.52 23.93
N LEU A 409 -7.24 -2.14 23.28
CA LEU A 409 -7.78 -3.40 23.79
C LEU A 409 -6.76 -4.52 23.70
N TYR A 410 -5.96 -4.54 22.63
CA TYR A 410 -4.94 -5.57 22.49
C TYR A 410 -3.90 -5.47 23.60
N VAL A 411 -3.38 -4.26 23.84
CA VAL A 411 -2.40 -4.08 24.90
C VAL A 411 -3.01 -4.43 26.26
N GLN A 412 -4.25 -3.99 26.49
CA GLN A 412 -4.92 -4.22 27.77
C GLN A 412 -5.19 -5.71 27.98
N ASP A 413 -5.80 -6.37 26.99
CA ASP A 413 -6.33 -7.71 27.20
C ASP A 413 -5.26 -8.78 26.96
N ILE A 414 -4.53 -8.66 25.85
CA ILE A 414 -3.60 -9.71 25.46
C ILE A 414 -2.28 -9.58 26.21
N LEU A 415 -1.62 -8.42 26.07
CA LEU A 415 -0.32 -8.25 26.69
C LEU A 415 -0.43 -8.06 28.20
N GLY A 416 -1.55 -7.51 28.68
CA GLY A 416 -1.72 -7.28 30.11
C GLY A 416 -0.75 -6.26 30.67
N TYR A 417 -0.62 -5.12 29.98
CA TYR A 417 0.36 -4.11 30.38
C TYR A 417 -0.12 -3.20 31.49
N SER A 418 -1.42 -3.10 31.74
CA SER A 418 -1.96 -2.16 32.72
C SER A 418 -1.80 -0.72 32.26
N ALA A 419 -2.58 0.19 32.83
CA ALA A 419 -2.64 1.55 32.30
C ALA A 419 -1.33 2.30 32.52
N LEU A 420 -0.73 2.17 33.71
CA LEU A 420 0.46 2.96 34.01
C LEU A 420 1.64 2.54 33.13
N ARG A 421 1.90 1.23 33.03
CA ARG A 421 3.01 0.78 32.19
C ARG A 421 2.68 0.91 30.72
N ALA A 422 1.41 0.80 30.33
CA ALA A 422 1.04 1.06 28.95
C ALA A 422 1.24 2.53 28.60
N GLY A 423 0.89 3.43 29.53
CA GLY A 423 1.09 4.84 29.27
C GLY A 423 2.57 5.21 29.17
N VAL A 424 3.40 4.64 30.05
CA VAL A 424 4.83 4.90 29.99
C VAL A 424 5.44 4.27 28.75
N GLY A 425 4.88 3.17 28.27
CA GLY A 425 5.40 2.53 27.07
C GLY A 425 5.04 3.25 25.79
N PHE A 426 4.09 4.18 25.85
CA PHE A 426 3.73 5.01 24.70
C PHE A 426 4.43 6.35 24.67
N ILE A 427 5.32 6.63 25.63
CA ILE A 427 6.10 7.87 25.58
C ILE A 427 6.90 7.97 24.29
N PRO A 428 7.51 6.90 23.77
CA PRO A 428 8.15 6.99 22.45
C PRO A 428 7.21 7.44 21.35
N PHE A 429 5.91 7.14 21.45
CA PHE A 429 4.97 7.64 20.44
C PHE A 429 4.92 9.15 20.44
N VAL A 430 4.89 9.76 21.62
CA VAL A 430 4.84 11.23 21.71
C VAL A 430 6.12 11.83 21.13
N ILE A 431 7.28 11.28 21.50
CA ILE A 431 8.54 11.79 20.96
C ILE A 431 8.61 11.54 19.45
N ALA A 432 8.20 10.35 19.01
CA ALA A 432 8.21 10.06 17.58
C ALA A 432 7.26 10.97 16.82
N MET A 433 6.06 11.21 17.38
CA MET A 433 5.12 12.10 16.73
C MET A 433 5.65 13.53 16.69
N GLY A 434 6.31 13.96 17.77
CA GLY A 434 6.88 15.30 17.78
C GLY A 434 7.90 15.51 16.68
N ILE A 435 8.73 14.49 16.42
CA ILE A 435 9.68 14.57 15.32
C ILE A 435 8.95 14.66 13.99
N GLY A 436 7.88 13.87 13.82
CA GLY A 436 7.14 13.92 12.58
C GLY A 436 6.46 15.25 12.34
N LEU A 437 5.82 15.80 13.38
CA LEU A 437 5.19 17.10 13.26
C LEU A 437 6.22 18.21 13.03
N GLY A 438 7.35 18.14 13.74
CA GLY A 438 8.38 19.15 13.56
C GLY A 438 8.98 19.13 12.16
N VAL A 439 9.23 17.94 11.63
CA VAL A 439 9.76 17.84 10.27
C VAL A 439 8.73 18.31 9.26
N SER A 440 7.47 17.89 9.44
CA SER A 440 6.45 18.21 8.44
C SER A 440 6.15 19.69 8.39
N SER A 441 6.29 20.41 9.50
CA SER A 441 6.02 21.84 9.51
C SER A 441 6.98 22.58 8.58
N GLN A 442 8.25 22.18 8.57
CA GLN A 442 9.22 22.80 7.67
C GLN A 442 9.03 22.32 6.24
N LEU A 443 8.69 21.03 6.06
CA LEU A 443 8.56 20.47 4.73
C LEU A 443 7.29 20.93 4.02
N VAL A 444 6.27 21.35 4.75
CA VAL A 444 5.00 21.71 4.13
C VAL A 444 5.06 22.99 3.31
N SER A 445 6.11 23.79 3.47
CA SER A 445 6.32 24.99 2.67
C SER A 445 7.04 24.71 1.37
N ARG A 446 7.51 23.47 1.15
CA ARG A 446 8.21 23.07 -0.05
C ARG A 446 7.53 21.94 -0.79
N PHE A 447 6.83 21.06 -0.09
CA PHE A 447 6.16 19.91 -0.66
C PHE A 447 4.66 20.06 -0.46
N SER A 448 3.89 19.66 -1.47
CA SER A 448 2.45 19.80 -1.40
C SER A 448 1.87 18.87 -0.34
N PRO A 449 0.66 19.15 0.16
CA PRO A 449 0.04 18.21 1.10
C PRO A 449 -0.23 16.85 0.51
N ARG A 450 -0.24 16.71 -0.81
CA ARG A 450 -0.49 15.41 -1.41
C ARG A 450 0.62 14.42 -1.09
N VAL A 451 1.88 14.83 -1.29
CA VAL A 451 3.00 13.91 -1.12
C VAL A 451 3.27 13.65 0.36
N LEU A 452 3.11 14.67 1.21
CA LEU A 452 3.37 14.49 2.63
C LEU A 452 2.34 13.56 3.28
N THR A 453 1.08 13.69 2.89
CA THR A 453 0.06 12.78 3.39
C THR A 453 0.32 11.35 2.95
N ILE A 454 0.70 11.16 1.67
CA ILE A 454 1.03 9.83 1.20
C ILE A 454 2.33 9.35 1.83
N GLY A 455 3.30 10.25 2.00
CA GLY A 455 4.54 9.85 2.64
C GLY A 455 4.34 9.47 4.09
N GLY A 456 3.51 10.21 4.82
CA GLY A 456 3.21 9.85 6.19
C GLY A 456 2.44 8.55 6.30
N GLY A 457 1.42 8.38 5.45
CA GLY A 457 0.65 7.15 5.48
C GLY A 457 1.47 5.94 5.10
N TYR A 458 2.42 6.11 4.18
CA TYR A 458 3.27 5.00 3.79
C TYR A 458 4.09 4.47 4.96
N LEU A 459 4.60 5.38 5.79
CA LEU A 459 5.32 4.95 6.98
C LEU A 459 4.39 4.26 7.97
N LEU A 460 3.18 4.78 8.15
CA LEU A 460 2.21 4.13 9.02
C LEU A 460 1.81 2.76 8.47
N PHE A 461 1.74 2.64 7.15
CA PHE A 461 1.37 1.36 6.55
C PHE A 461 2.38 0.29 6.89
N GLY A 462 3.67 0.61 6.83
CA GLY A 462 4.69 -0.37 7.18
C GLY A 462 4.64 -0.74 8.64
N ALA A 463 4.41 0.24 9.53
CA ALA A 463 4.34 -0.06 10.95
C ALA A 463 3.18 -1.00 11.26
N MET A 464 2.04 -0.79 10.62
CA MET A 464 0.88 -1.64 10.87
C MET A 464 1.05 -3.02 10.23
N LEU A 465 1.72 -3.11 9.08
CA LEU A 465 2.04 -4.42 8.52
C LEU A 465 3.02 -5.17 9.41
N TYR A 466 4.05 -4.48 9.92
CA TYR A 466 4.99 -5.15 10.82
C TYR A 466 4.30 -5.64 12.08
N GLY A 467 3.41 -4.82 12.65
CA GLY A 467 2.66 -5.24 13.81
C GLY A 467 1.62 -6.30 13.53
N SER A 468 1.31 -6.55 12.27
CA SER A 468 0.32 -7.56 11.91
C SER A 468 0.94 -8.94 11.68
N PHE A 469 2.26 -9.06 11.75
CA PHE A 469 2.94 -10.32 11.54
C PHE A 469 3.79 -10.77 12.72
N PHE A 470 4.36 -9.84 13.48
CA PHE A 470 5.28 -10.15 14.57
C PHE A 470 4.78 -9.55 15.86
N MET A 471 3.46 -9.68 16.11
CA MET A 471 2.84 -9.19 17.33
C MET A 471 2.02 -10.32 17.94
N HIS A 472 2.69 -11.15 18.72
CA HIS A 472 2.10 -12.20 19.53
C HIS A 472 2.13 -11.78 21.00
N ARG A 473 1.38 -12.49 21.82
CA ARG A 473 1.46 -12.28 23.26
C ARG A 473 2.82 -12.73 23.77
N GLY A 474 3.39 -11.94 24.69
CA GLY A 474 4.62 -12.29 25.35
C GLY A 474 5.90 -11.85 24.68
N VAL A 475 5.82 -11.21 23.52
CA VAL A 475 7.03 -10.75 22.82
C VAL A 475 7.66 -9.62 23.60
N PRO A 476 8.97 -9.37 23.46
CA PRO A 476 9.62 -8.32 24.26
C PRO A 476 9.18 -6.92 23.83
N TYR A 477 9.70 -5.90 24.53
CA TYR A 477 9.28 -4.53 24.28
C TYR A 477 10.08 -3.88 23.15
N PHE A 478 11.41 -3.86 23.28
CA PHE A 478 12.23 -3.04 22.39
C PHE A 478 12.11 -3.43 20.92
N PRO A 479 12.24 -4.69 20.52
CA PRO A 479 12.21 -4.98 19.07
C PRO A 479 10.82 -5.01 18.48
N ASN A 480 9.79 -5.29 19.27
CA ASN A 480 8.46 -5.59 18.76
C ASN A 480 7.43 -4.51 19.04
N LEU A 481 7.70 -3.60 19.97
CA LEU A 481 6.77 -2.51 20.30
C LEU A 481 7.38 -1.13 20.13
N VAL A 482 8.64 -0.94 20.50
CA VAL A 482 9.25 0.38 20.37
C VAL A 482 9.36 0.77 18.91
N MET A 483 9.78 -0.16 18.04
CA MET A 483 10.01 0.20 16.65
C MET A 483 8.71 0.49 15.90
N PRO A 484 7.72 -0.40 15.88
CA PRO A 484 6.49 -0.07 15.13
C PRO A 484 5.77 1.16 15.67
N ILE A 485 5.85 1.41 16.98
CA ILE A 485 5.22 2.59 17.56
C ILE A 485 5.96 3.85 17.11
N VAL A 486 7.29 3.84 17.13
CA VAL A 486 8.05 5.01 16.74
C VAL A 486 7.86 5.29 15.25
N VAL A 487 7.94 4.27 14.40
CA VAL A 487 7.78 4.46 12.98
C VAL A 487 6.37 4.92 12.65
N GLY A 488 5.37 4.31 13.29
CA GLY A 488 4.00 4.73 13.08
C GLY A 488 3.74 6.14 13.57
N GLY A 489 4.40 6.53 14.65
CA GLY A 489 4.22 7.88 15.18
C GLY A 489 4.74 8.94 14.23
N ILE A 490 5.92 8.72 13.65
CA ILE A 490 6.46 9.65 12.67
C ILE A 490 5.55 9.71 11.44
N GLY A 491 4.98 8.58 11.05
CA GLY A 491 4.09 8.56 9.89
C GLY A 491 2.82 9.35 10.13
N ILE A 492 2.20 9.18 11.30
CA ILE A 492 0.98 9.92 11.60
C ILE A 492 1.29 11.40 11.76
N GLY A 493 2.39 11.72 12.46
CA GLY A 493 2.75 13.13 12.63
C GLY A 493 3.01 13.83 11.31
N MET A 494 3.63 13.13 10.37
CA MET A 494 3.88 13.73 9.06
C MET A 494 2.59 14.02 8.32
N ALA A 495 1.61 13.12 8.41
CA ALA A 495 0.38 13.26 7.64
C ALA A 495 -0.61 14.21 8.29
N VAL A 496 -0.51 14.44 9.61
CA VAL A 496 -1.53 15.24 10.29
C VAL A 496 -1.42 16.70 9.90
N VAL A 497 -0.20 17.25 9.84
CA VAL A 497 -0.03 18.68 9.61
C VAL A 497 -0.56 19.09 8.23
N PRO A 498 -0.20 18.42 7.12
CA PRO A 498 -0.75 18.85 5.83
C PRO A 498 -2.25 18.77 5.73
N LEU A 499 -2.87 17.76 6.34
CA LEU A 499 -4.33 17.64 6.27
C LEU A 499 -5.00 18.77 7.03
N THR A 500 -4.47 19.15 8.19
CA THR A 500 -5.06 20.24 8.95
C THR A 500 -4.93 21.57 8.21
N LEU A 501 -3.76 21.82 7.62
CA LEU A 501 -3.56 23.06 6.88
C LEU A 501 -4.51 23.16 5.68
N SER A 502 -4.67 22.05 4.94
CA SER A 502 -5.54 22.08 3.78
C SER A 502 -7.02 22.13 4.17
N ALA A 503 -7.36 21.62 5.35
CA ALA A 503 -8.75 21.67 5.79
C ALA A 503 -9.20 23.10 6.02
N ILE A 504 -8.33 23.94 6.58
CA ILE A 504 -8.65 25.33 6.87
C ILE A 504 -8.10 26.28 5.81
N ALA A 505 -7.76 25.76 4.63
CA ALA A 505 -7.09 26.55 3.61
C ALA A 505 -8.11 27.34 2.79
N GLY A 506 -7.86 28.64 2.64
CA GLY A 506 -8.67 29.48 1.78
C GLY A 506 -10.14 29.49 2.09
N VAL A 507 -10.52 30.01 3.26
CA VAL A 507 -11.91 30.09 3.68
C VAL A 507 -12.28 31.55 3.91
N GLY A 508 -11.57 32.21 4.82
CA GLY A 508 -11.85 33.57 5.22
C GLY A 508 -12.03 33.64 6.72
N PHE A 509 -12.78 34.65 7.15
CA PHE A 509 -13.09 34.86 8.57
C PHE A 509 -14.56 34.70 8.90
N ASP A 510 -15.44 34.92 7.92
CA ASP A 510 -16.87 34.78 8.12
C ASP A 510 -17.40 33.37 7.87
N GLN A 511 -16.56 32.46 7.36
CA GLN A 511 -16.96 31.08 7.12
C GLN A 511 -15.95 30.10 7.70
N ILE A 512 -15.02 30.57 8.53
CA ILE A 512 -14.04 29.68 9.14
C ILE A 512 -14.63 28.94 10.32
N GLY A 513 -15.64 29.50 10.97
CA GLY A 513 -16.29 28.86 12.08
C GLY A 513 -16.87 27.51 11.72
N PRO A 514 -17.91 27.50 10.87
CA PRO A 514 -18.52 26.21 10.51
C PRO A 514 -17.58 25.25 9.80
N VAL A 515 -16.62 25.75 9.02
CA VAL A 515 -15.71 24.86 8.32
C VAL A 515 -14.85 24.08 9.30
N SER A 516 -14.35 24.75 10.35
CA SER A 516 -13.59 24.04 11.37
C SER A 516 -14.49 23.10 12.16
N ALA A 517 -15.73 23.50 12.42
CA ALA A 517 -16.66 22.61 13.12
C ALA A 517 -16.96 21.37 12.31
N ILE A 518 -17.13 21.51 10.99
CA ILE A 518 -17.37 20.36 10.15
C ILE A 518 -16.16 19.44 10.15
N ALA A 519 -14.95 20.02 10.14
CA ALA A 519 -13.75 19.20 10.15
C ALA A 519 -13.63 18.38 11.42
N LEU A 520 -13.91 18.99 12.57
CA LEU A 520 -13.90 18.24 13.83
C LEU A 520 -15.01 17.19 13.85
N MET A 521 -16.19 17.53 13.32
CA MET A 521 -17.31 16.58 13.34
C MET A 521 -17.03 15.36 12.48
N LEU A 522 -16.56 15.58 11.24
CA LEU A 522 -16.31 14.45 10.35
C LEU A 522 -15.20 13.55 10.88
N GLN A 523 -14.20 14.14 11.55
CA GLN A 523 -13.17 13.34 12.18
C GLN A 523 -13.77 12.43 13.25
N SER A 524 -14.66 12.97 14.08
CA SER A 524 -15.29 12.19 15.13
C SER A 524 -16.38 11.27 14.61
N LEU A 525 -17.03 11.64 13.51
CA LEU A 525 -18.09 10.80 12.97
C LEU A 525 -17.54 9.54 12.31
N GLY A 526 -16.34 9.61 11.73
CA GLY A 526 -15.78 8.46 11.03
C GLY A 526 -15.31 7.35 11.95
N GLY A 527 -15.15 7.63 13.24
CA GLY A 527 -14.66 6.65 14.18
C GLY A 527 -15.59 5.45 14.29
N PRO A 528 -16.80 5.67 14.80
CA PRO A 528 -17.73 4.53 14.98
C PRO A 528 -18.04 3.79 13.69
N LEU A 529 -18.11 4.48 12.55
CA LEU A 529 -18.49 3.81 11.31
C LEU A 529 -17.44 2.78 10.90
N VAL A 530 -16.16 3.17 10.86
CA VAL A 530 -15.11 2.24 10.48
C VAL A 530 -14.91 1.21 11.59
N LEU A 531 -14.93 1.65 12.84
CA LEU A 531 -14.70 0.72 13.95
C LEU A 531 -15.78 -0.35 14.04
N ALA A 532 -17.00 -0.03 13.63
CA ALA A 532 -18.05 -1.05 13.62
C ALA A 532 -17.72 -2.17 12.67
N VAL A 533 -17.16 -1.85 11.50
CA VAL A 533 -16.75 -2.88 10.55
C VAL A 533 -15.57 -3.67 11.10
N ILE A 534 -14.59 -2.99 11.69
CA ILE A 534 -13.40 -3.68 12.19
C ILE A 534 -13.77 -4.61 13.33
N GLN A 535 -14.61 -4.15 14.26
CA GLN A 535 -15.01 -4.99 15.38
C GLN A 535 -15.78 -6.22 14.91
N ALA A 536 -16.60 -6.08 13.86
CA ALA A 536 -17.31 -7.22 13.31
C ALA A 536 -16.33 -8.25 12.77
N VAL A 537 -15.25 -7.80 12.14
CA VAL A 537 -14.24 -8.71 11.62
C VAL A 537 -13.47 -9.37 12.76
N ILE A 538 -13.19 -8.62 13.82
CA ILE A 538 -12.51 -9.20 14.98
C ILE A 538 -13.37 -10.30 15.60
N THR A 539 -14.66 -10.03 15.76
CA THR A 539 -15.54 -11.03 16.36
C THR A 539 -15.65 -12.26 15.47
N SER A 540 -15.79 -12.05 14.16
CA SER A 540 -16.06 -13.18 13.26
C SER A 540 -14.89 -14.15 13.24
N ARG A 541 -13.67 -13.64 13.22
CA ARG A 541 -12.50 -14.51 13.20
C ARG A 541 -12.21 -15.14 14.54
N THR A 542 -12.62 -14.49 15.63
CA THR A 542 -12.47 -15.11 16.95
C THR A 542 -13.30 -16.38 17.05
N LEU A 543 -14.52 -16.38 16.51
CA LEU A 543 -15.32 -17.59 16.48
C LEU A 543 -14.75 -18.60 15.49
N TYR A 544 -14.24 -18.12 14.34
CA TYR A 544 -13.71 -19.03 13.34
C TYR A 544 -12.52 -19.81 13.87
N LEU A 545 -11.59 -19.13 14.54
CA LEU A 545 -10.43 -19.79 15.12
C LEU A 545 -10.77 -20.58 16.37
N GLY A 546 -11.97 -20.40 16.92
CA GLY A 546 -12.38 -21.06 18.15
C GLY A 546 -12.23 -20.12 19.32
N GLY A 547 -13.34 -19.50 19.74
CA GLY A 547 -13.28 -18.49 20.76
C GLY A 547 -14.62 -18.27 21.40
N THR A 548 -14.66 -17.26 22.27
CA THR A 548 -15.84 -16.95 23.07
C THR A 548 -16.10 -15.46 23.00
N THR A 549 -17.37 -15.07 22.97
CA THR A 549 -17.78 -13.67 22.87
C THR A 549 -18.13 -13.10 24.24
N GLY A 550 -17.43 -13.56 25.27
CA GLY A 550 -17.64 -13.08 26.62
C GLY A 550 -16.54 -12.13 26.99
N PRO A 551 -16.26 -11.98 28.29
CA PRO A 551 -15.15 -11.12 28.71
C PRO A 551 -13.86 -11.91 28.83
N VAL A 552 -12.75 -11.17 28.72
CA VAL A 552 -11.43 -11.80 28.69
C VAL A 552 -11.05 -12.42 30.02
N LYS A 553 -11.72 -12.03 31.11
CA LYS A 553 -11.36 -12.55 32.42
C LYS A 553 -11.64 -14.05 32.55
N PHE A 554 -12.57 -14.58 31.75
CA PHE A 554 -12.80 -16.02 31.63
C PHE A 554 -12.31 -16.44 30.25
N MET A 555 -11.10 -17.00 30.19
CA MET A 555 -10.57 -17.54 28.95
C MET A 555 -9.72 -18.77 29.27
N ASN A 556 -9.59 -19.64 28.28
CA ASN A 556 -8.98 -20.94 28.45
C ASN A 556 -7.53 -21.00 27.97
N ASP A 557 -6.95 -19.86 27.59
CA ASP A 557 -5.56 -19.76 27.12
C ASP A 557 -5.40 -20.37 25.73
N VAL A 558 -6.47 -20.99 25.23
CA VAL A 558 -6.57 -21.32 23.82
C VAL A 558 -7.67 -20.51 23.13
N GLN A 559 -8.70 -20.08 23.86
CA GLN A 559 -9.64 -19.09 23.36
C GLN A 559 -9.05 -17.69 23.40
N LEU A 560 -8.10 -17.44 24.31
CA LEU A 560 -7.40 -16.16 24.34
C LEU A 560 -6.38 -16.07 23.21
N ALA A 561 -5.79 -17.21 22.82
CA ALA A 561 -4.92 -17.22 21.65
C ALA A 561 -5.70 -16.92 20.38
N ALA A 562 -6.93 -17.42 20.29
CA ALA A 562 -7.78 -17.09 19.16
C ALA A 562 -8.08 -15.60 19.13
N LEU A 563 -8.36 -15.00 20.29
CA LEU A 563 -8.56 -13.56 20.36
C LEU A 563 -7.27 -12.82 20.01
N ASP A 564 -6.13 -13.37 20.41
CA ASP A 564 -4.85 -12.76 20.08
C ASP A 564 -4.64 -12.68 18.57
N HIS A 565 -4.95 -13.77 17.85
CA HIS A 565 -4.79 -13.79 16.41
C HIS A 565 -5.93 -13.07 15.69
N ALA A 566 -7.05 -12.82 16.36
CA ALA A 566 -8.11 -12.03 15.75
C ALA A 566 -7.71 -10.56 15.67
N TYR A 567 -7.17 -10.02 16.75
CA TYR A 567 -6.73 -8.62 16.74
C TYR A 567 -5.62 -8.40 15.73
N THR A 568 -4.67 -9.33 15.67
CA THR A 568 -3.59 -9.21 14.68
C THR A 568 -4.14 -9.28 13.25
N TYR A 569 -5.23 -10.01 13.04
CA TYR A 569 -5.84 -10.08 11.72
C TYR A 569 -6.56 -8.79 11.37
N GLY A 570 -7.33 -8.24 12.32
CA GLY A 570 -8.04 -7.00 12.06
C GLY A 570 -7.15 -5.82 11.78
N LEU A 571 -5.88 -5.90 12.18
CA LEU A 571 -4.94 -4.85 11.83
C LEU A 571 -4.71 -4.79 10.32
N LEU A 572 -4.93 -5.90 9.61
CA LEU A 572 -4.87 -5.87 8.15
C LEU A 572 -6.04 -5.10 7.56
N TRP A 573 -7.23 -5.26 8.13
CA TRP A 573 -8.38 -4.52 7.64
C TRP A 573 -8.22 -3.03 7.87
N VAL A 574 -7.61 -2.64 8.99
CA VAL A 574 -7.29 -1.23 9.21
C VAL A 574 -6.31 -0.76 8.15
N ALA A 575 -5.35 -1.60 7.78
CA ALA A 575 -4.39 -1.26 6.74
C ALA A 575 -5.09 -1.13 5.39
N GLY A 576 -6.10 -1.95 5.14
CA GLY A 576 -6.88 -1.79 3.91
C GLY A 576 -7.62 -0.46 3.88
N ALA A 577 -8.17 -0.05 5.00
CA ALA A 577 -8.85 1.25 5.07
C ALA A 577 -7.87 2.39 4.86
N ALA A 578 -6.66 2.27 5.42
CA ALA A 578 -5.65 3.30 5.21
C ALA A 578 -5.27 3.44 3.75
N ILE A 579 -5.27 2.34 3.00
CA ILE A 579 -4.99 2.40 1.56
C ILE A 579 -6.05 3.23 0.85
N ILE A 580 -7.32 3.05 1.23
CA ILE A 580 -8.39 3.82 0.60
C ILE A 580 -8.24 5.31 0.90
N VAL A 581 -7.78 5.63 2.11
CA VAL A 581 -7.49 7.02 2.44
C VAL A 581 -6.39 7.56 1.54
N GLY A 582 -5.35 6.76 1.30
CA GLY A 582 -4.28 7.21 0.42
C GLY A 582 -4.73 7.42 -1.00
N GLY A 583 -5.65 6.59 -1.49
CA GLY A 583 -6.20 6.81 -2.81
C GLY A 583 -6.96 8.11 -2.93
N MET A 584 -7.76 8.44 -1.92
CA MET A 584 -8.46 9.72 -1.96
C MET A 584 -7.52 10.90 -1.80
N ALA A 585 -6.38 10.70 -1.12
CA ALA A 585 -5.46 11.80 -0.92
C ALA A 585 -4.76 12.22 -2.21
N LEU A 586 -4.77 11.37 -3.23
CA LEU A 586 -4.20 11.73 -4.52
C LEU A 586 -5.03 12.74 -5.29
N PHE A 587 -6.29 12.97 -4.89
CA PHE A 587 -7.18 13.92 -5.53
C PHE A 587 -7.24 15.25 -4.81
N ILE A 588 -6.34 15.50 -3.86
CA ILE A 588 -6.38 16.75 -3.11
C ILE A 588 -6.05 17.93 -4.03
N GLY A 589 -4.85 17.92 -4.61
CA GLY A 589 -4.48 18.94 -5.58
C GLY A 589 -4.33 20.34 -5.04
N TYR A 590 -3.82 20.48 -3.81
CA TYR A 590 -3.44 21.78 -3.27
C TYR A 590 -1.93 21.94 -3.46
N THR A 591 -1.53 23.10 -3.99
CA THR A 591 -0.12 23.45 -3.99
C THR A 591 0.27 24.01 -2.63
N PRO A 592 1.57 24.01 -2.29
CA PRO A 592 1.99 24.59 -1.01
C PRO A 592 1.79 26.11 -0.94
N GLN A 593 1.45 26.76 -2.04
CA GLN A 593 1.18 28.19 -2.01
C GLN A 593 -0.13 28.48 -1.30
N GLN A 594 -1.13 27.62 -1.47
CA GLN A 594 -2.45 27.89 -0.92
C GLN A 594 -2.52 27.61 0.57
N VAL A 595 -1.74 26.66 1.08
CA VAL A 595 -1.89 26.17 2.43
C VAL A 595 -0.81 26.72 3.36
N ALA A 596 0.41 26.88 2.88
CA ALA A 596 1.53 27.20 3.77
C ALA A 596 2.43 28.28 3.16
N HIS A 597 1.83 29.36 2.67
CA HIS A 597 2.63 30.44 2.11
C HIS A 597 1.92 31.78 2.30
N ALA A 598 2.72 32.84 2.39
CA ALA A 598 2.21 34.20 2.46
C ALA A 598 1.33 34.42 3.68
N ARG B 129 34.48 -24.75 -5.70
CA ARG B 129 34.50 -24.69 -7.15
C ARG B 129 33.32 -25.47 -7.73
N SER B 130 33.06 -26.64 -7.17
CA SER B 130 31.94 -27.46 -7.65
C SER B 130 30.61 -26.76 -7.41
N PHE B 131 30.43 -26.14 -6.24
CA PHE B 131 29.19 -25.43 -5.97
C PHE B 131 29.09 -24.17 -6.83
N ILE B 132 30.18 -23.43 -6.97
CA ILE B 132 30.13 -22.17 -7.70
C ILE B 132 29.84 -22.45 -9.18
N ALA B 133 30.52 -23.44 -9.75
CA ALA B 133 30.27 -23.77 -11.15
C ALA B 133 28.85 -24.27 -11.36
N ALA B 134 28.26 -24.90 -10.35
CA ALA B 134 26.92 -25.46 -10.50
C ALA B 134 25.87 -24.35 -10.62
N VAL B 135 25.91 -23.37 -9.72
CA VAL B 135 24.89 -22.32 -9.73
C VAL B 135 25.06 -21.42 -10.96
N ILE B 136 26.30 -21.15 -11.36
CA ILE B 136 26.54 -20.34 -12.54
C ILE B 136 26.06 -21.06 -13.79
N ALA B 137 26.37 -22.35 -13.89
CA ALA B 137 25.95 -23.11 -15.07
C ALA B 137 24.44 -23.19 -15.17
N ILE B 138 23.75 -23.38 -14.04
CA ILE B 138 22.31 -23.56 -14.06
C ILE B 138 21.62 -22.27 -14.49
N GLY B 139 22.10 -21.12 -14.01
CA GLY B 139 21.50 -19.85 -14.33
C GLY B 139 21.94 -19.24 -15.65
N GLY B 140 22.63 -20.02 -16.50
CA GLY B 140 23.17 -19.46 -17.72
C GLY B 140 22.11 -19.01 -18.70
N MET B 141 21.06 -19.80 -18.88
CA MET B 141 20.04 -19.44 -19.87
C MET B 141 19.21 -18.25 -19.43
N GLN B 142 19.12 -17.99 -18.11
CA GLN B 142 18.52 -16.75 -17.66
C GLN B 142 19.37 -15.56 -18.06
N LEU B 143 20.69 -15.70 -17.96
CA LEU B 143 21.58 -14.63 -18.43
C LEU B 143 21.47 -14.44 -19.94
N LEU B 144 21.46 -15.54 -20.69
CA LEU B 144 21.44 -15.43 -22.15
C LEU B 144 20.12 -14.86 -22.65
N ALA B 145 19.00 -15.39 -22.16
CA ALA B 145 17.70 -14.96 -22.67
C ALA B 145 17.43 -13.50 -22.39
N THR B 146 17.72 -13.05 -21.16
CA THR B 146 17.45 -11.66 -20.81
C THR B 146 18.45 -10.72 -21.47
N MET B 147 19.71 -11.12 -21.54
CA MET B 147 20.71 -10.30 -22.21
C MET B 147 20.42 -10.18 -23.71
N ASP B 148 20.06 -11.29 -24.35
CA ASP B 148 19.70 -11.24 -25.76
C ASP B 148 18.45 -10.39 -25.98
N SER B 149 17.49 -10.48 -25.05
CA SER B 149 16.25 -9.71 -25.19
C SER B 149 16.52 -8.21 -25.19
N THR B 150 17.41 -7.75 -24.31
CA THR B 150 17.67 -6.31 -24.22
C THR B 150 18.53 -5.84 -25.38
N VAL B 151 19.44 -6.69 -25.87
CA VAL B 151 20.25 -6.33 -27.03
C VAL B 151 19.37 -6.19 -28.26
N ALA B 152 18.33 -7.03 -28.37
CA ALA B 152 17.41 -6.92 -29.49
C ALA B 152 16.67 -5.59 -29.49
N ILE B 153 16.22 -5.15 -28.31
CA ILE B 153 15.51 -3.88 -28.22
C ILE B 153 16.45 -2.73 -28.57
N VAL B 154 17.70 -2.79 -28.12
CA VAL B 154 18.65 -1.73 -28.39
C VAL B 154 18.96 -1.66 -29.88
N ALA B 155 19.13 -2.81 -30.52
CA ALA B 155 19.59 -2.87 -31.90
C ALA B 155 18.46 -2.86 -32.91
N LEU B 156 17.21 -2.80 -32.48
CA LEU B 156 16.10 -2.80 -33.42
C LEU B 156 16.07 -1.58 -34.34
N PRO B 157 16.32 -0.35 -33.87
CA PRO B 157 16.32 0.78 -34.81
C PRO B 157 17.36 0.67 -35.92
N LYS B 158 18.54 0.12 -35.64
CA LYS B 158 19.56 0.00 -36.67
C LYS B 158 19.34 -1.17 -37.60
N ILE B 159 18.57 -2.19 -37.17
CA ILE B 159 18.16 -3.23 -38.10
C ILE B 159 17.25 -2.67 -39.19
N GLN B 160 16.45 -1.65 -38.84
CA GLN B 160 15.59 -1.03 -39.83
C GLN B 160 16.40 -0.30 -40.89
N ASN B 161 17.46 0.40 -40.48
CA ASN B 161 18.24 1.19 -41.44
C ASN B 161 18.94 0.30 -42.45
N GLU B 162 19.29 -0.93 -42.08
CA GLU B 162 20.08 -1.81 -42.95
C GLU B 162 19.20 -2.79 -43.72
N LEU B 163 18.44 -3.62 -43.01
CA LEU B 163 17.60 -4.60 -43.71
C LEU B 163 16.44 -3.92 -44.44
N SER B 164 15.99 -2.76 -43.95
CA SER B 164 14.85 -2.06 -44.51
C SER B 164 13.61 -2.95 -44.52
N LEU B 165 13.26 -3.41 -43.31
CA LEU B 165 12.11 -4.29 -43.13
C LEU B 165 10.81 -3.53 -42.87
N SER B 166 10.82 -2.20 -42.95
CA SER B 166 9.60 -1.41 -42.83
C SER B 166 9.06 -1.45 -41.40
N ASP B 167 7.97 -0.73 -41.16
CA ASP B 167 7.39 -0.72 -39.82
C ASP B 167 6.64 -2.02 -39.53
N ALA B 168 6.12 -2.69 -40.57
CA ALA B 168 5.48 -3.97 -40.37
C ALA B 168 6.48 -5.01 -39.86
N GLY B 169 7.68 -5.03 -40.46
CA GLY B 169 8.71 -5.99 -40.09
C GLY B 169 9.36 -5.73 -38.75
N ARG B 170 9.15 -4.54 -38.18
CA ARG B 170 9.83 -4.20 -36.93
C ARG B 170 9.42 -5.14 -35.81
N SER B 171 8.15 -5.55 -35.78
CA SER B 171 7.67 -6.38 -34.69
C SER B 171 7.89 -7.87 -34.93
N TRP B 172 8.02 -8.30 -36.19
CA TRP B 172 8.15 -9.73 -36.47
C TRP B 172 9.44 -10.29 -35.86
N VAL B 173 10.49 -9.48 -35.79
CA VAL B 173 11.73 -9.98 -35.19
C VAL B 173 11.56 -10.17 -33.68
N ILE B 174 10.72 -9.36 -33.05
CA ILE B 174 10.44 -9.54 -31.63
C ILE B 174 9.39 -10.63 -31.42
N THR B 175 8.30 -10.58 -32.20
CA THR B 175 7.22 -11.54 -31.98
C THR B 175 7.62 -12.94 -32.43
N ALA B 176 8.55 -13.06 -33.36
CA ALA B 176 8.99 -14.39 -33.80
C ALA B 176 9.61 -15.15 -32.64
N TYR B 177 10.51 -14.50 -31.89
CA TYR B 177 11.09 -15.14 -30.72
C TYR B 177 10.04 -15.45 -29.68
N VAL B 178 9.14 -14.50 -29.43
CA VAL B 178 8.11 -14.69 -28.40
C VAL B 178 7.12 -15.78 -28.83
N LEU B 179 6.82 -15.85 -30.13
CA LEU B 179 5.81 -16.79 -30.61
C LEU B 179 6.22 -18.23 -30.29
N THR B 180 7.46 -18.60 -30.63
CA THR B 180 7.93 -19.95 -30.41
C THR B 180 8.47 -20.16 -29.00
N PHE B 181 8.86 -19.09 -28.31
CA PHE B 181 9.26 -19.21 -26.90
C PHE B 181 8.08 -19.65 -26.06
N GLY B 182 6.93 -18.98 -26.21
CA GLY B 182 5.75 -19.36 -25.46
C GLY B 182 5.03 -20.57 -26.03
N GLY B 183 5.14 -20.78 -27.34
CA GLY B 183 4.48 -21.93 -27.94
C GLY B 183 5.07 -23.25 -27.45
N LEU B 184 6.39 -23.35 -27.42
CA LEU B 184 7.06 -24.61 -27.11
C LEU B 184 7.41 -24.78 -25.64
N MET B 185 7.07 -23.82 -24.78
CA MET B 185 7.57 -23.87 -23.41
C MET B 185 6.98 -25.04 -22.64
N LEU B 186 5.68 -25.29 -22.77
CA LEU B 186 5.08 -26.41 -22.06
C LEU B 186 5.62 -27.75 -22.57
N LEU B 187 5.97 -27.83 -23.85
CA LEU B 187 6.66 -29.01 -24.36
C LEU B 187 8.04 -29.14 -23.71
N GLY B 188 8.75 -28.03 -23.54
CA GLY B 188 10.10 -28.10 -23.01
C GLY B 188 10.16 -28.56 -21.58
N GLY B 189 9.08 -28.36 -20.81
CA GLY B 189 9.08 -28.81 -19.43
C GLY B 189 9.15 -30.33 -19.32
N ARG B 190 8.21 -31.02 -19.95
CA ARG B 190 8.20 -32.48 -19.89
C ARG B 190 9.34 -33.11 -20.69
N LEU B 191 9.99 -32.36 -21.57
CA LEU B 191 11.05 -32.93 -22.40
C LEU B 191 12.23 -33.35 -21.56
N GLY B 192 12.52 -32.63 -20.48
CA GLY B 192 13.62 -33.00 -19.61
C GLY B 192 13.47 -34.35 -18.96
N ASP B 193 12.23 -34.83 -18.80
CA ASP B 193 12.03 -36.13 -18.20
C ASP B 193 12.39 -37.25 -19.17
N THR B 194 11.95 -37.13 -20.42
CA THR B 194 12.04 -38.24 -21.37
C THR B 194 13.36 -38.31 -22.11
N ILE B 195 14.24 -37.31 -21.96
CA ILE B 195 15.56 -37.35 -22.56
C ILE B 195 16.65 -37.11 -21.51
N GLY B 196 16.29 -36.41 -20.43
CA GLY B 196 17.23 -36.06 -19.39
C GLY B 196 17.27 -34.56 -19.18
N ARG B 197 17.46 -34.10 -17.95
CA ARG B 197 17.51 -32.66 -17.70
C ARG B 197 18.85 -32.07 -18.10
N LYS B 198 19.96 -32.78 -17.86
CA LYS B 198 21.26 -32.20 -18.18
C LYS B 198 21.46 -32.13 -19.68
N ARG B 199 21.14 -33.21 -20.41
CA ARG B 199 21.25 -33.18 -21.86
C ARG B 199 20.33 -32.12 -22.45
N THR B 200 19.13 -31.98 -21.90
CA THR B 200 18.20 -30.96 -22.41
C THR B 200 18.76 -29.57 -22.22
N PHE B 201 19.51 -29.34 -21.14
CA PHE B 201 20.09 -28.03 -20.88
C PHE B 201 21.18 -27.69 -21.89
N ILE B 202 22.04 -28.66 -22.22
CA ILE B 202 23.09 -28.40 -23.19
C ILE B 202 22.51 -28.27 -24.60
N VAL B 203 21.57 -29.15 -24.94
CA VAL B 203 20.98 -29.11 -26.27
C VAL B 203 20.22 -27.80 -26.49
N GLY B 204 19.45 -27.37 -25.48
CA GLY B 204 18.73 -26.12 -25.61
C GLY B 204 19.66 -24.92 -25.68
N VAL B 205 20.68 -24.89 -24.82
CA VAL B 205 21.60 -23.75 -24.82
C VAL B 205 22.45 -23.76 -26.08
N ALA B 206 22.84 -24.95 -26.55
CA ALA B 206 23.65 -25.05 -27.75
C ALA B 206 22.90 -24.51 -28.97
N LEU B 207 21.62 -24.84 -29.09
CA LEU B 207 20.82 -24.32 -30.20
C LEU B 207 20.71 -22.81 -30.12
N PHE B 208 20.62 -22.26 -28.91
CA PHE B 208 20.56 -20.82 -28.74
C PHE B 208 21.86 -20.17 -29.20
N THR B 209 23.00 -20.73 -28.80
CA THR B 209 24.29 -20.16 -29.19
C THR B 209 24.48 -20.21 -30.69
N ILE B 210 24.13 -21.34 -31.31
CA ILE B 210 24.24 -21.47 -32.76
C ILE B 210 23.27 -20.51 -33.44
N SER B 211 22.06 -20.38 -32.91
CA SER B 211 21.07 -19.51 -33.54
C SER B 211 21.49 -18.05 -33.50
N SER B 212 22.23 -17.63 -32.47
CA SER B 212 22.68 -16.25 -32.40
C SER B 212 23.70 -15.93 -33.48
N VAL B 213 24.50 -16.92 -33.91
CA VAL B 213 25.44 -16.69 -34.99
C VAL B 213 24.70 -16.53 -36.31
N LEU B 214 23.72 -17.39 -36.58
CA LEU B 214 22.90 -17.25 -37.77
C LEU B 214 22.11 -15.94 -37.75
N CYS B 215 21.75 -15.46 -36.56
CA CYS B 215 21.05 -14.19 -36.45
C CYS B 215 21.97 -13.02 -36.78
N ALA B 216 23.27 -13.15 -36.50
CA ALA B 216 24.22 -12.07 -36.71
C ALA B 216 24.73 -11.98 -38.15
N VAL B 217 24.36 -12.93 -39.01
CA VAL B 217 24.77 -12.92 -40.42
C VAL B 217 23.54 -12.94 -41.31
N ALA B 218 22.42 -12.39 -40.80
CA ALA B 218 21.17 -12.43 -41.54
C ALA B 218 21.29 -11.68 -42.86
N TRP B 219 20.78 -12.30 -43.93
CA TRP B 219 20.86 -11.67 -45.25
C TRP B 219 19.71 -10.68 -45.45
N ASP B 220 18.50 -11.05 -45.07
CA ASP B 220 17.32 -10.25 -45.35
C ASP B 220 16.31 -10.48 -44.22
N GLU B 221 15.05 -10.14 -44.48
CA GLU B 221 14.02 -10.28 -43.45
C GLU B 221 13.77 -11.75 -43.14
N ALA B 222 13.69 -12.59 -44.18
CA ALA B 222 13.35 -13.99 -43.97
C ALA B 222 14.40 -14.70 -43.13
N THR B 223 15.68 -14.43 -43.37
CA THR B 223 16.72 -15.08 -42.59
C THR B 223 16.70 -14.63 -41.14
N LEU B 224 16.34 -13.38 -40.89
CA LEU B 224 16.28 -12.89 -39.52
C LEU B 224 15.08 -13.43 -38.76
N VAL B 225 13.98 -13.73 -39.47
CA VAL B 225 12.83 -14.34 -38.81
C VAL B 225 13.13 -15.79 -38.46
N ILE B 226 13.72 -16.54 -39.39
CA ILE B 226 14.06 -17.93 -39.11
C ILE B 226 15.08 -18.01 -37.99
N ALA B 227 16.01 -17.07 -37.94
CA ALA B 227 17.01 -17.06 -36.88
C ALA B 227 16.37 -16.80 -35.52
N ARG B 228 15.43 -15.87 -35.45
CA ARG B 228 14.77 -15.57 -34.17
C ARG B 228 13.86 -16.71 -33.74
N LEU B 229 13.23 -17.39 -34.70
CA LEU B 229 12.45 -18.57 -34.36
C LEU B 229 13.32 -19.66 -33.76
N SER B 230 14.53 -19.83 -34.28
CA SER B 230 15.42 -20.85 -33.74
C SER B 230 15.90 -20.50 -32.34
N GLN B 231 16.12 -19.21 -32.05
CA GLN B 231 16.56 -18.82 -30.72
C GLN B 231 15.48 -19.13 -29.69
N GLY B 232 14.22 -18.84 -30.01
CA GLY B 232 13.15 -19.13 -29.07
C GLY B 232 12.98 -20.62 -28.82
N VAL B 233 13.18 -21.43 -29.85
CA VAL B 233 13.11 -22.89 -29.67
C VAL B 233 14.21 -23.36 -28.73
N GLY B 234 15.43 -22.83 -28.89
CA GLY B 234 16.49 -23.18 -27.98
C GLY B 234 16.25 -22.66 -26.58
N SER B 235 15.70 -21.46 -26.45
CA SER B 235 15.41 -20.89 -25.15
C SER B 235 14.15 -21.49 -24.53
N ALA B 236 13.20 -21.93 -25.35
CA ALA B 236 12.03 -22.62 -24.82
C ALA B 236 12.41 -23.95 -24.19
N ILE B 237 13.39 -24.64 -24.77
CA ILE B 237 13.81 -25.94 -24.27
C ILE B 237 14.63 -25.79 -22.99
N ALA B 238 15.49 -24.77 -22.94
CA ALA B 238 16.47 -24.67 -21.86
C ALA B 238 15.98 -23.86 -20.67
N SER B 239 15.10 -22.88 -20.87
CA SER B 239 14.68 -22.05 -19.74
C SER B 239 13.93 -22.85 -18.68
N PRO B 240 12.90 -23.64 -19.00
CA PRO B 240 12.26 -24.45 -17.95
C PRO B 240 13.22 -25.46 -17.32
N THR B 241 14.12 -26.03 -18.12
CA THR B 241 15.06 -27.01 -17.58
C THR B 241 16.06 -26.36 -16.64
N GLY B 242 16.32 -25.06 -16.80
CA GLY B 242 17.19 -24.38 -15.87
C GLY B 242 16.60 -24.27 -14.48
N LEU B 243 15.33 -23.90 -14.38
CA LEU B 243 14.69 -23.82 -13.08
C LEU B 243 14.39 -25.20 -12.51
N ALA B 244 14.05 -26.16 -13.38
CA ALA B 244 13.90 -27.54 -12.92
C ALA B 244 15.21 -28.07 -12.38
N LEU B 245 16.34 -27.68 -12.99
CA LEU B 245 17.63 -28.09 -12.47
C LEU B 245 17.87 -27.52 -11.08
N VAL B 246 17.45 -26.28 -10.84
CA VAL B 246 17.56 -25.71 -9.50
C VAL B 246 16.82 -26.58 -8.50
N ALA B 247 15.64 -27.06 -8.88
CA ALA B 247 14.82 -27.83 -7.95
C ALA B 247 15.46 -29.18 -7.62
N THR B 248 16.11 -29.81 -8.59
CA THR B 248 16.56 -31.19 -8.46
C THR B 248 18.01 -31.32 -7.99
N THR B 249 18.92 -30.52 -8.54
CA THR B 249 20.34 -30.75 -8.25
C THR B 249 20.70 -30.36 -6.83
N PHE B 250 20.07 -29.32 -6.27
CA PHE B 250 20.38 -28.83 -4.93
C PHE B 250 19.30 -29.28 -3.96
N ARG B 251 19.70 -30.03 -2.94
CA ARG B 251 18.75 -30.49 -1.93
C ARG B 251 18.20 -29.30 -1.16
N LYS B 252 16.97 -29.45 -0.68
CA LYS B 252 16.33 -28.37 0.07
C LYS B 252 17.16 -28.02 1.29
N GLY B 253 17.29 -26.72 1.55
CA GLY B 253 18.15 -26.24 2.62
C GLY B 253 18.85 -24.96 2.21
N PRO B 254 20.00 -24.66 2.83
CA PRO B 254 20.76 -23.48 2.39
C PRO B 254 21.28 -23.58 0.97
N ALA B 255 21.45 -24.80 0.45
CA ALA B 255 21.96 -24.95 -0.91
C ALA B 255 20.93 -24.47 -1.94
N ARG B 256 19.67 -24.86 -1.76
CA ARG B 256 18.63 -24.42 -2.70
C ARG B 256 18.37 -22.93 -2.56
N ASN B 257 18.45 -22.39 -1.33
CA ASN B 257 18.23 -20.96 -1.13
C ASN B 257 19.33 -20.14 -1.80
N ALA B 258 20.59 -20.56 -1.65
CA ALA B 258 21.69 -19.86 -2.33
C ALA B 258 21.58 -20.01 -3.84
N ALA B 259 21.23 -21.21 -4.31
CA ALA B 259 21.07 -21.41 -5.75
C ALA B 259 19.95 -20.55 -6.32
N THR B 260 18.86 -20.41 -5.57
CA THR B 260 17.76 -19.57 -6.02
C THR B 260 18.17 -18.10 -6.09
N ALA B 261 18.96 -17.65 -5.13
CA ALA B 261 19.44 -16.27 -5.15
C ALA B 261 20.32 -16.02 -6.37
N VAL B 262 21.24 -16.94 -6.66
CA VAL B 262 22.11 -16.78 -7.82
C VAL B 262 21.31 -16.89 -9.11
N PHE B 263 20.33 -17.80 -9.14
CA PHE B 263 19.50 -17.95 -10.33
C PHE B 263 18.78 -16.66 -10.66
N ALA B 264 18.21 -16.00 -9.64
CA ALA B 264 17.56 -14.71 -9.85
C ALA B 264 18.55 -13.56 -9.97
N ALA B 265 19.79 -13.74 -9.50
CA ALA B 265 20.78 -12.68 -9.63
C ALA B 265 21.22 -12.49 -11.07
N MET B 266 21.51 -13.60 -11.76
CA MET B 266 21.96 -13.54 -13.14
C MET B 266 20.86 -13.09 -14.09
N THR B 267 19.60 -13.19 -13.69
CA THR B 267 18.52 -12.63 -14.49
C THR B 267 18.66 -11.12 -14.60
N ALA B 268 19.03 -10.47 -13.49
CA ALA B 268 19.21 -9.01 -13.51
C ALA B 268 20.57 -8.61 -14.07
N ILE B 269 21.61 -9.41 -13.84
CA ILE B 269 22.92 -9.07 -14.39
C ILE B 269 22.88 -9.13 -15.92
N GLY B 270 22.13 -10.06 -16.48
CA GLY B 270 22.05 -10.18 -17.93
C GLY B 270 21.42 -8.95 -18.57
N SER B 271 20.32 -8.47 -17.99
CA SER B 271 19.60 -7.36 -18.61
C SER B 271 20.44 -6.09 -18.61
N VAL B 272 21.13 -5.79 -17.51
CA VAL B 272 21.96 -4.60 -17.47
C VAL B 272 23.14 -4.73 -18.43
N MET B 273 23.79 -5.89 -18.42
CA MET B 273 24.90 -6.09 -19.35
C MET B 273 24.43 -6.05 -20.80
N GLY B 274 23.18 -6.41 -21.05
CA GLY B 274 22.64 -6.23 -22.38
C GLY B 274 22.59 -4.77 -22.80
N LEU B 275 22.18 -3.89 -21.87
CA LEU B 275 22.18 -2.46 -22.17
C LEU B 275 23.59 -1.95 -22.39
N VAL B 276 24.52 -2.35 -21.54
CA VAL B 276 25.90 -1.88 -21.66
C VAL B 276 26.54 -2.42 -22.94
N VAL B 277 26.43 -3.72 -23.19
CA VAL B 277 27.01 -4.30 -24.40
C VAL B 277 26.29 -3.77 -25.63
N GLY B 278 24.96 -3.75 -25.59
CA GLY B 278 24.21 -3.22 -26.72
C GLY B 278 24.51 -1.77 -26.96
N GLY B 279 24.51 -0.96 -25.89
CA GLY B 279 24.77 0.46 -26.05
C GLY B 279 26.21 0.80 -26.32
N ALA B 280 27.14 -0.10 -26.01
CA ALA B 280 28.56 0.22 -26.18
C ALA B 280 29.01 0.06 -27.62
N LEU B 281 28.83 -1.14 -28.19
CA LEU B 281 29.34 -1.47 -29.52
C LEU B 281 28.24 -1.53 -30.57
N THR B 282 27.10 -0.92 -30.31
CA THR B 282 26.09 -0.79 -31.37
C THR B 282 26.51 0.23 -32.42
N GLU B 283 27.40 1.16 -32.06
CA GLU B 283 27.85 2.16 -33.02
C GLU B 283 28.61 1.53 -34.18
N VAL B 284 29.49 0.55 -33.90
CA VAL B 284 30.26 -0.05 -34.98
C VAL B 284 29.34 -0.87 -35.88
N SER B 285 28.44 -1.66 -35.27
CA SER B 285 27.45 -2.43 -36.01
C SER B 285 26.54 -3.15 -35.02
N TRP B 286 25.33 -3.48 -35.45
CA TRP B 286 24.44 -4.27 -34.60
C TRP B 286 24.74 -5.76 -34.68
N ARG B 287 25.48 -6.21 -35.70
CA ARG B 287 25.76 -7.63 -35.83
C ARG B 287 26.73 -8.10 -34.75
N TRP B 288 27.69 -7.27 -34.36
CA TRP B 288 28.62 -7.65 -33.31
C TRP B 288 27.93 -7.83 -31.97
N ALA B 289 26.81 -7.14 -31.76
CA ALA B 289 26.09 -7.27 -30.49
C ALA B 289 25.53 -8.67 -30.31
N PHE B 290 25.03 -9.27 -31.40
CA PHE B 290 24.47 -10.62 -31.31
C PHE B 290 25.56 -11.67 -31.16
N LEU B 291 26.73 -11.46 -31.76
CA LEU B 291 27.79 -12.45 -31.62
C LEU B 291 28.37 -12.51 -30.22
N VAL B 292 28.03 -11.56 -29.34
CA VAL B 292 28.63 -11.56 -28.00
C VAL B 292 28.08 -12.71 -27.14
N ASN B 293 26.93 -13.28 -27.51
CA ASN B 293 26.38 -14.40 -26.76
C ASN B 293 27.12 -15.70 -27.00
N VAL B 294 28.05 -15.75 -27.94
CA VAL B 294 28.75 -16.99 -28.27
C VAL B 294 29.80 -17.31 -27.20
N PRO B 295 30.67 -16.38 -26.81
CA PRO B 295 31.56 -16.67 -25.67
C PRO B 295 30.82 -17.06 -24.40
N ILE B 296 29.72 -16.37 -24.09
CA ILE B 296 28.98 -16.68 -22.87
C ILE B 296 28.24 -18.00 -23.02
N GLY B 297 27.67 -18.25 -24.19
CA GLY B 297 26.99 -19.52 -24.41
C GLY B 297 27.91 -20.71 -24.31
N LEU B 298 29.13 -20.58 -24.83
CA LEU B 298 30.06 -21.70 -24.82
C LEU B 298 30.58 -21.98 -23.41
N VAL B 299 30.85 -20.94 -22.63
CA VAL B 299 31.40 -21.17 -21.29
C VAL B 299 30.36 -21.81 -20.38
N MET B 300 29.09 -21.43 -20.54
CA MET B 300 28.04 -22.07 -19.75
C MET B 300 27.89 -23.53 -20.12
N ILE B 301 28.03 -23.86 -21.41
CA ILE B 301 28.01 -25.26 -21.82
C ILE B 301 29.20 -26.00 -21.26
N TYR B 302 30.35 -25.35 -21.19
CA TYR B 302 31.52 -25.97 -20.58
C TYR B 302 31.32 -26.18 -19.09
N LEU B 303 30.79 -25.18 -18.39
CA LEU B 303 30.54 -25.33 -16.96
C LEU B 303 29.45 -26.37 -16.70
N ALA B 304 28.40 -26.36 -17.52
CA ALA B 304 27.31 -27.32 -17.32
C ALA B 304 27.80 -28.75 -17.52
N ARG B 305 28.63 -28.98 -18.54
CA ARG B 305 29.12 -30.32 -18.81
C ARG B 305 30.01 -30.82 -17.67
N THR B 306 30.84 -29.96 -17.11
CA THR B 306 31.86 -30.35 -16.15
C THR B 306 31.47 -30.08 -14.69
N ALA B 307 30.22 -29.69 -14.44
CA ALA B 307 29.78 -29.40 -13.08
C ALA B 307 28.37 -29.90 -12.77
N LEU B 308 27.70 -30.60 -13.68
CA LEU B 308 26.38 -31.16 -13.46
C LEU B 308 26.42 -32.66 -13.71
N ARG B 309 25.71 -33.41 -12.87
CA ARG B 309 25.72 -34.86 -12.91
C ARG B 309 24.43 -35.34 -13.56
N GLU B 310 24.56 -36.19 -14.58
CA GLU B 310 23.39 -36.77 -15.23
C GLU B 310 22.83 -37.86 -14.34
N THR B 311 21.77 -37.55 -13.59
CA THR B 311 21.18 -38.52 -12.68
C THR B 311 20.35 -39.51 -13.50
N ASN B 312 20.84 -40.76 -13.54
CA ASN B 312 20.29 -41.79 -14.43
C ASN B 312 19.01 -42.35 -13.82
N LYS B 313 17.89 -41.73 -14.15
CA LYS B 313 16.56 -42.23 -13.82
C LYS B 313 15.99 -42.96 -15.02
N GLU B 314 14.88 -43.69 -14.79
CA GLU B 314 14.18 -44.34 -15.88
C GLU B 314 13.48 -43.29 -16.73
N ARG B 315 13.68 -43.34 -18.05
CA ARG B 315 13.07 -42.35 -18.92
C ARG B 315 11.57 -42.55 -18.97
N MET B 316 10.83 -41.45 -19.01
CA MET B 316 9.39 -41.44 -18.94
C MET B 316 8.83 -41.15 -20.32
N LYS B 317 7.83 -41.92 -20.73
CA LYS B 317 7.24 -41.75 -22.05
C LYS B 317 6.61 -40.36 -22.17
N LEU B 318 6.78 -39.74 -23.33
CA LEU B 318 6.25 -38.41 -23.58
C LEU B 318 4.78 -38.50 -23.98
N ASP B 319 4.03 -37.46 -23.63
CA ASP B 319 2.64 -37.33 -24.05
C ASP B 319 2.62 -36.76 -25.46
N ALA B 320 2.37 -37.62 -26.45
CA ALA B 320 2.45 -37.17 -27.84
C ALA B 320 1.30 -36.25 -28.18
N THR B 321 0.06 -36.75 -28.10
CA THR B 321 -1.10 -35.93 -28.44
C THR B 321 -1.26 -34.76 -27.47
N GLY B 322 -0.99 -34.98 -26.19
CA GLY B 322 -1.17 -33.91 -25.22
C GLY B 322 -0.22 -32.76 -25.46
N ALA B 323 1.01 -33.05 -25.87
CA ALA B 323 1.97 -31.99 -26.13
C ALA B 323 1.70 -31.30 -27.47
N ILE B 324 1.18 -32.04 -28.46
CA ILE B 324 0.87 -31.44 -29.76
C ILE B 324 -0.21 -30.38 -29.59
N LEU B 325 -1.28 -30.70 -28.86
CA LEU B 325 -2.37 -29.75 -28.71
C LEU B 325 -1.96 -28.56 -27.86
N ALA B 326 -1.13 -28.79 -26.85
CA ALA B 326 -0.64 -27.68 -26.03
C ALA B 326 0.20 -26.73 -26.86
N THR B 327 1.12 -27.26 -27.67
CA THR B 327 1.96 -26.42 -28.52
C THR B 327 1.12 -25.69 -29.56
N LEU B 328 0.16 -26.38 -30.16
CA LEU B 328 -0.72 -25.74 -31.13
C LEU B 328 -1.53 -24.62 -30.50
N ALA B 329 -2.09 -24.86 -29.31
CA ALA B 329 -2.93 -23.86 -28.67
C ALA B 329 -2.11 -22.63 -28.27
N CYS B 330 -0.91 -22.85 -27.72
CA CYS B 330 -0.11 -21.71 -27.26
C CYS B 330 0.39 -20.88 -28.43
N THR B 331 0.91 -21.53 -29.47
CA THR B 331 1.40 -20.79 -30.63
C THR B 331 0.27 -20.04 -31.32
N ALA B 332 -0.88 -20.69 -31.49
CA ALA B 332 -2.01 -20.02 -32.15
C ALA B 332 -2.52 -18.85 -31.34
N ALA B 333 -2.56 -18.99 -30.01
CA ALA B 333 -3.01 -17.89 -29.17
C ALA B 333 -2.07 -16.71 -29.24
N VAL B 334 -0.76 -16.97 -29.27
CA VAL B 334 0.21 -15.88 -29.36
C VAL B 334 0.14 -15.22 -30.72
N PHE B 335 -0.04 -16.01 -31.77
CA PHE B 335 -0.15 -15.46 -33.13
C PHE B 335 -1.35 -14.51 -33.23
N ALA B 336 -2.50 -14.93 -32.69
CA ALA B 336 -3.67 -14.08 -32.73
C ALA B 336 -3.46 -12.81 -31.92
N PHE B 337 -2.85 -12.93 -30.75
CA PHE B 337 -2.63 -11.76 -29.90
C PHE B 337 -1.66 -10.78 -30.56
N SER B 338 -0.57 -11.29 -31.14
CA SER B 338 0.41 -10.40 -31.78
C SER B 338 -0.15 -9.81 -33.07
N ILE B 339 -0.89 -10.60 -33.84
CA ILE B 339 -1.34 -10.14 -35.15
C ILE B 339 -2.57 -9.25 -35.09
N GLY B 340 -3.20 -9.12 -33.92
CA GLY B 340 -4.40 -8.32 -33.78
C GLY B 340 -4.18 -6.85 -34.10
N PRO B 341 -3.26 -6.20 -33.38
CA PRO B 341 -2.98 -4.78 -33.67
C PRO B 341 -2.59 -4.51 -35.11
N GLU B 342 -1.84 -5.43 -35.73
CA GLU B 342 -1.36 -5.17 -37.09
C GLU B 342 -2.50 -5.19 -38.09
N LYS B 343 -3.37 -6.20 -38.02
CA LYS B 343 -4.44 -6.38 -38.99
C LYS B 343 -5.82 -5.98 -38.48
N GLY B 344 -6.05 -6.09 -37.17
CA GLY B 344 -7.33 -5.71 -36.56
C GLY B 344 -7.86 -6.79 -35.65
N TRP B 345 -8.52 -6.36 -34.57
CA TRP B 345 -9.03 -7.29 -33.56
C TRP B 345 -10.24 -8.07 -34.03
N MET B 346 -10.85 -7.71 -35.17
CA MET B 346 -12.02 -8.43 -35.65
C MET B 346 -11.94 -8.70 -37.15
N SER B 347 -10.74 -8.70 -37.73
CA SER B 347 -10.61 -8.86 -39.17
C SER B 347 -11.12 -10.23 -39.62
N GLY B 348 -10.72 -11.28 -38.92
CA GLY B 348 -11.10 -12.63 -39.27
C GLY B 348 -9.94 -13.59 -39.13
N ILE B 349 -8.73 -13.10 -39.40
CA ILE B 349 -7.54 -13.90 -39.17
C ILE B 349 -7.14 -13.87 -37.70
N THR B 350 -7.46 -12.79 -36.99
CA THR B 350 -7.19 -12.73 -35.57
C THR B 350 -8.14 -13.63 -34.78
N ILE B 351 -9.45 -13.37 -34.88
CA ILE B 351 -10.42 -14.25 -34.24
C ILE B 351 -10.37 -15.64 -34.85
N GLY B 352 -10.04 -15.74 -36.14
CA GLY B 352 -9.90 -17.05 -36.75
C GLY B 352 -8.81 -17.88 -36.09
N SER B 353 -7.65 -17.26 -35.83
CA SER B 353 -6.59 -17.96 -35.12
C SER B 353 -6.97 -18.21 -33.66
N GLY B 354 -7.63 -17.23 -33.03
CA GLY B 354 -8.10 -17.44 -31.68
C GLY B 354 -9.09 -18.58 -31.57
N LEU B 355 -9.91 -18.77 -32.61
CA LEU B 355 -10.82 -19.91 -32.63
C LEU B 355 -10.05 -21.22 -32.62
N VAL B 356 -8.95 -21.29 -33.39
CA VAL B 356 -8.13 -22.50 -33.40
C VAL B 356 -7.45 -22.69 -32.05
N ALA B 357 -7.02 -21.59 -31.42
CA ALA B 357 -6.42 -21.69 -30.09
C ALA B 357 -7.44 -22.21 -29.08
N LEU B 358 -8.68 -21.70 -29.13
CA LEU B 358 -9.70 -22.18 -28.21
C LEU B 358 -10.04 -23.65 -28.47
N ALA B 359 -10.15 -24.03 -29.75
CA ALA B 359 -10.47 -25.42 -30.07
C ALA B 359 -9.39 -26.36 -29.58
N ALA B 360 -8.12 -26.00 -29.80
CA ALA B 360 -7.02 -26.84 -29.34
C ALA B 360 -6.96 -26.88 -27.81
N ALA B 361 -7.21 -25.75 -27.16
CA ALA B 361 -7.18 -25.72 -25.70
C ALA B 361 -8.25 -26.63 -25.11
N VAL B 362 -9.46 -26.60 -25.68
CA VAL B 362 -10.52 -27.47 -25.19
C VAL B 362 -10.17 -28.92 -25.43
N ALA B 363 -9.67 -29.24 -26.63
CA ALA B 363 -9.28 -30.61 -26.92
C ALA B 363 -8.08 -31.05 -26.09
N PHE B 364 -7.19 -30.11 -25.76
CA PHE B 364 -6.07 -30.43 -24.87
C PHE B 364 -6.56 -30.78 -23.47
N VAL B 365 -7.53 -30.02 -22.95
CA VAL B 365 -8.05 -30.30 -21.61
C VAL B 365 -8.81 -31.62 -21.60
N ILE B 366 -9.59 -31.89 -22.64
CA ILE B 366 -10.36 -33.13 -22.69
C ILE B 366 -9.41 -34.33 -22.77
N VAL B 367 -8.35 -34.23 -23.56
CA VAL B 367 -7.43 -35.36 -23.72
C VAL B 367 -6.57 -35.55 -22.48
N GLU B 368 -6.32 -34.50 -21.70
CA GLU B 368 -5.47 -34.63 -20.53
C GLU B 368 -6.15 -35.34 -19.37
N ARG B 369 -7.47 -35.55 -19.43
CA ARG B 369 -8.15 -36.25 -18.35
C ARG B 369 -7.66 -37.68 -18.22
N THR B 370 -7.55 -38.38 -19.36
CA THR B 370 -7.15 -39.78 -19.39
C THR B 370 -5.72 -39.96 -19.89
N ALA B 371 -4.90 -38.93 -19.73
CA ALA B 371 -3.55 -38.92 -20.30
C ALA B 371 -2.55 -39.41 -19.28
N GLU B 372 -1.68 -40.32 -19.72
CA GLU B 372 -0.61 -40.85 -18.89
C GLU B 372 0.61 -39.94 -19.05
N ASN B 373 1.21 -39.57 -17.94
CA ASN B 373 2.35 -38.67 -17.96
C ASN B 373 1.92 -37.33 -18.59
N PRO B 374 1.05 -36.58 -17.92
CA PRO B 374 0.44 -35.43 -18.58
C PRO B 374 1.40 -34.27 -18.72
N VAL B 375 1.16 -33.45 -19.75
CA VAL B 375 1.98 -32.27 -19.97
C VAL B 375 1.68 -31.20 -18.92
N VAL B 376 0.44 -31.15 -18.44
CA VAL B 376 0.04 -30.20 -17.38
C VAL B 376 -0.79 -30.97 -16.36
N PRO B 377 -0.26 -31.29 -15.17
CA PRO B 377 -1.09 -31.99 -14.18
C PRO B 377 -2.09 -31.07 -13.50
N PHE B 378 -3.26 -30.90 -14.14
CA PHE B 378 -4.27 -29.99 -13.60
C PHE B 378 -4.65 -30.34 -12.17
N HIS B 379 -4.66 -31.64 -11.82
CA HIS B 379 -4.99 -32.03 -10.46
C HIS B 379 -4.02 -31.45 -9.45
N LEU B 380 -2.79 -31.17 -9.87
CA LEU B 380 -1.77 -30.68 -8.96
C LEU B 380 -2.11 -29.28 -8.45
N PHE B 381 -2.76 -28.46 -9.27
CA PHE B 381 -3.11 -27.09 -8.90
C PHE B 381 -4.49 -27.05 -8.25
N ARG B 382 -4.62 -27.83 -7.17
CA ARG B 382 -5.83 -27.83 -6.34
C ARG B 382 -5.45 -27.75 -4.86
N ASP B 383 -4.23 -27.34 -4.54
CA ASP B 383 -3.74 -27.34 -3.18
C ASP B 383 -4.25 -26.15 -2.37
N ARG B 384 -4.84 -25.14 -3.02
CA ARG B 384 -5.29 -23.89 -2.40
C ARG B 384 -4.11 -23.01 -1.98
N ASN B 385 -2.88 -23.48 -2.17
CA ASN B 385 -1.67 -22.69 -1.99
C ASN B 385 -0.78 -22.69 -3.21
N ARG B 386 -0.91 -23.67 -4.10
CA ARG B 386 -0.26 -23.61 -5.40
C ARG B 386 -0.98 -22.63 -6.31
N LEU B 387 -2.31 -22.63 -6.29
CA LEU B 387 -3.06 -21.68 -7.09
C LEU B 387 -2.78 -20.25 -6.66
N VAL B 388 -2.71 -20.00 -5.35
CA VAL B 388 -2.41 -18.66 -4.86
C VAL B 388 -1.00 -18.26 -5.26
N THR B 389 -0.04 -19.16 -5.09
CA THR B 389 1.33 -18.85 -5.46
C THR B 389 1.46 -18.61 -6.97
N PHE B 390 0.77 -19.44 -7.77
CA PHE B 390 0.90 -19.32 -9.22
C PHE B 390 0.09 -18.17 -9.77
N SER B 391 -0.97 -17.75 -9.07
CA SER B 391 -1.64 -16.51 -9.44
C SER B 391 -0.80 -15.29 -9.07
N ALA B 392 -0.02 -15.39 -8.00
CA ALA B 392 0.80 -14.26 -7.57
C ALA B 392 1.93 -13.98 -8.56
N ILE B 393 2.65 -15.03 -8.99
CA ILE B 393 3.74 -14.82 -9.93
C ILE B 393 3.21 -14.37 -11.29
N LEU B 394 1.96 -14.73 -11.63
CA LEU B 394 1.40 -14.30 -12.90
C LEU B 394 1.26 -12.78 -12.95
N LEU B 395 0.63 -12.20 -11.93
CA LEU B 395 0.51 -10.75 -11.88
C LEU B 395 1.80 -10.06 -11.44
N ALA B 396 2.59 -10.71 -10.59
CA ALA B 396 3.87 -10.13 -10.19
C ALA B 396 4.81 -10.01 -11.37
N GLY B 397 4.80 -11.00 -12.25
CA GLY B 397 5.53 -10.87 -13.50
C GLY B 397 4.97 -9.79 -14.39
N GLY B 398 3.65 -9.62 -14.38
CA GLY B 398 3.04 -8.53 -15.14
C GLY B 398 3.42 -7.16 -14.61
N VAL B 399 3.48 -7.02 -13.28
CA VAL B 399 3.92 -5.76 -12.69
C VAL B 399 5.39 -5.50 -13.00
N MET B 400 6.24 -6.53 -12.90
CA MET B 400 7.65 -6.34 -13.19
C MET B 400 7.88 -6.01 -14.65
N PHE B 401 7.18 -6.70 -15.56
CA PHE B 401 7.37 -6.44 -16.98
C PHE B 401 6.92 -5.03 -17.35
N SER B 402 5.73 -4.63 -16.90
CA SER B 402 5.26 -3.29 -17.20
C SER B 402 6.15 -2.23 -16.56
N LEU B 403 6.82 -2.56 -15.47
CA LEU B 403 7.70 -1.60 -14.81
C LEU B 403 8.98 -1.40 -15.62
N THR B 404 9.59 -2.48 -16.11
CA THR B 404 10.80 -2.34 -16.90
C THR B 404 10.54 -1.66 -18.23
N VAL B 405 9.42 -2.00 -18.88
CA VAL B 405 9.09 -1.39 -20.17
C VAL B 405 8.82 0.10 -20.00
N CYS B 406 8.01 0.47 -19.00
CA CYS B 406 7.67 1.87 -18.80
C CYS B 406 8.90 2.69 -18.40
N ILE B 407 9.71 2.17 -17.48
CA ILE B 407 10.93 2.87 -17.10
C ILE B 407 11.90 2.90 -18.27
N GLY B 408 11.92 1.85 -19.08
CA GLY B 408 12.80 1.83 -20.23
C GLY B 408 12.45 2.89 -21.24
N LEU B 409 11.16 3.00 -21.58
CA LEU B 409 10.75 4.03 -22.54
C LEU B 409 10.89 5.42 -21.97
N TYR B 410 10.62 5.59 -20.67
CA TYR B 410 10.77 6.90 -20.05
C TYR B 410 12.21 7.37 -20.08
N VAL B 411 13.14 6.47 -19.73
CA VAL B 411 14.55 6.83 -19.74
C VAL B 411 15.02 7.13 -21.16
N GLN B 412 14.54 6.36 -22.13
CA GLN B 412 14.94 6.54 -23.52
C GLN B 412 14.34 7.82 -24.11
N ASP B 413 13.02 8.00 -23.94
CA ASP B 413 12.32 9.06 -24.65
C ASP B 413 12.43 10.40 -23.93
N ILE B 414 12.17 10.41 -22.62
CA ILE B 414 12.12 11.67 -21.88
C ILE B 414 13.52 12.14 -21.50
N LEU B 415 14.25 11.32 -20.75
CA LEU B 415 15.56 11.74 -20.28
C LEU B 415 16.60 11.73 -21.40
N GLY B 416 16.42 10.88 -22.40
CA GLY B 416 17.37 10.79 -23.49
C GLY B 416 18.74 10.31 -23.05
N TYR B 417 18.77 9.24 -22.25
CA TYR B 417 20.01 8.78 -21.66
C TYR B 417 20.86 7.92 -22.60
N SER B 418 20.28 7.35 -23.65
CA SER B 418 20.99 6.43 -24.53
C SER B 418 21.29 5.12 -23.81
N ALA B 419 21.58 4.07 -24.58
CA ALA B 419 21.70 2.73 -24.02
C ALA B 419 22.95 2.59 -23.15
N LEU B 420 24.09 3.11 -23.60
CA LEU B 420 25.33 2.91 -22.87
C LEU B 420 25.28 3.57 -21.49
N ARG B 421 24.88 4.84 -21.44
CA ARG B 421 24.84 5.54 -20.17
C ARG B 421 23.69 5.06 -19.29
N ALA B 422 22.57 4.67 -19.91
CA ALA B 422 21.48 4.07 -19.14
C ALA B 422 21.91 2.75 -18.53
N GLY B 423 22.65 1.93 -19.30
CA GLY B 423 23.13 0.67 -18.76
C GLY B 423 24.13 0.87 -17.64
N VAL B 424 25.05 1.82 -17.80
CA VAL B 424 26.01 2.11 -16.73
C VAL B 424 25.29 2.72 -15.52
N GLY B 425 24.20 3.44 -15.74
CA GLY B 425 23.43 4.00 -14.66
C GLY B 425 22.57 3.01 -13.92
N PHE B 426 22.35 1.83 -14.48
CA PHE B 426 21.60 0.76 -13.82
C PHE B 426 22.50 -0.22 -13.09
N ILE B 427 23.82 -0.03 -13.10
CA ILE B 427 24.70 -0.89 -12.30
C ILE B 427 24.29 -0.87 -10.84
N PRO B 428 23.95 0.27 -10.24
CA PRO B 428 23.42 0.24 -8.86
C PRO B 428 22.20 -0.65 -8.69
N PHE B 429 21.37 -0.85 -9.72
CA PHE B 429 20.28 -1.80 -9.59
C PHE B 429 20.82 -3.22 -9.37
N VAL B 430 21.86 -3.60 -10.09
CA VAL B 430 22.42 -4.94 -9.94
C VAL B 430 23.05 -5.10 -8.55
N ILE B 431 23.80 -4.09 -8.10
CA ILE B 431 24.41 -4.20 -6.78
C ILE B 431 23.33 -4.19 -5.70
N ALA B 432 22.33 -3.32 -5.83
CA ALA B 432 21.24 -3.31 -4.85
C ALA B 432 20.46 -4.61 -4.87
N MET B 433 20.18 -5.15 -6.07
CA MET B 433 19.44 -6.40 -6.15
C MET B 433 20.25 -7.55 -5.57
N GLY B 434 21.57 -7.55 -5.77
CA GLY B 434 22.40 -8.59 -5.19
C GLY B 434 22.33 -8.61 -3.67
N ILE B 435 22.29 -7.42 -3.05
CA ILE B 435 22.17 -7.35 -1.60
C ILE B 435 20.81 -7.89 -1.16
N GLY B 436 19.74 -7.52 -1.86
CA GLY B 436 18.42 -8.02 -1.49
C GLY B 436 18.30 -9.52 -1.63
N LEU B 437 18.83 -10.07 -2.73
CA LEU B 437 18.81 -11.52 -2.91
C LEU B 437 19.67 -12.21 -1.86
N GLY B 438 20.87 -11.68 -1.59
CA GLY B 438 21.74 -12.30 -0.62
C GLY B 438 21.16 -12.30 0.78
N VAL B 439 20.56 -11.18 1.18
CA VAL B 439 19.93 -11.10 2.49
C VAL B 439 18.75 -12.07 2.57
N SER B 440 17.92 -12.11 1.52
CA SER B 440 16.70 -12.91 1.58
C SER B 440 17.01 -14.40 1.63
N SER B 441 18.12 -14.84 1.04
CA SER B 441 18.48 -16.25 1.10
C SER B 441 18.72 -16.69 2.54
N GLN B 442 19.35 -15.82 3.34
CA GLN B 442 19.57 -16.13 4.74
C GLN B 442 18.28 -16.01 5.56
N LEU B 443 17.44 -15.03 5.24
CA LEU B 443 16.21 -14.78 5.98
C LEU B 443 15.10 -15.77 5.65
N VAL B 444 15.15 -16.42 4.48
CA VAL B 444 14.06 -17.30 4.09
C VAL B 444 13.99 -18.56 4.94
N SER B 445 15.06 -18.88 5.66
CA SER B 445 15.08 -20.04 6.54
C SER B 445 14.55 -19.73 7.94
N ARG B 446 14.14 -18.49 8.20
CA ARG B 446 13.66 -18.08 9.52
C ARG B 446 12.31 -17.38 9.42
N PHE B 447 12.06 -16.71 8.30
CA PHE B 447 10.81 -16.02 8.04
C PHE B 447 10.06 -16.71 6.90
N SER B 448 8.74 -16.73 6.99
CA SER B 448 7.93 -17.36 5.96
C SER B 448 7.99 -16.54 4.68
N PRO B 449 7.68 -17.15 3.52
CA PRO B 449 7.61 -16.35 2.30
C PRO B 449 6.54 -15.28 2.33
N ARG B 450 5.54 -15.40 3.19
CA ARG B 450 4.47 -14.41 3.22
C ARG B 450 5.00 -13.05 3.63
N VAL B 451 5.80 -13.00 4.70
CA VAL B 451 6.28 -11.71 5.20
C VAL B 451 7.38 -11.15 4.28
N LEU B 452 8.23 -12.02 3.73
CA LEU B 452 9.32 -11.55 2.89
C LEU B 452 8.79 -10.99 1.57
N THR B 453 7.77 -11.63 1.00
CA THR B 453 7.15 -11.09 -0.22
C THR B 453 6.50 -9.74 0.05
N ILE B 454 5.81 -9.61 1.18
CA ILE B 454 5.19 -8.34 1.53
C ILE B 454 6.25 -7.31 1.89
N GLY B 455 7.29 -7.73 2.63
CA GLY B 455 8.35 -6.80 2.98
C GLY B 455 9.09 -6.27 1.77
N GLY B 456 9.41 -7.15 0.82
CA GLY B 456 10.08 -6.71 -0.40
C GLY B 456 9.19 -5.82 -1.25
N GLY B 457 7.92 -6.20 -1.41
CA GLY B 457 7.01 -5.37 -2.18
C GLY B 457 6.75 -4.03 -1.54
N TYR B 458 6.77 -3.97 -0.20
CA TYR B 458 6.61 -2.70 0.49
C TYR B 458 7.75 -1.74 0.13
N LEU B 459 8.98 -2.25 0.08
CA LEU B 459 10.10 -1.42 -0.33
C LEU B 459 9.97 -0.96 -1.77
N LEU B 460 9.54 -1.85 -2.67
CA LEU B 460 9.30 -1.45 -4.05
C LEU B 460 8.17 -0.43 -4.15
N PHE B 461 7.16 -0.57 -3.30
CA PHE B 461 6.02 0.34 -3.34
C PHE B 461 6.45 1.78 -3.03
N GLY B 462 7.33 1.95 -2.05
CA GLY B 462 7.84 3.28 -1.76
C GLY B 462 8.68 3.84 -2.88
N ALA B 463 9.52 3.01 -3.49
CA ALA B 463 10.37 3.47 -4.57
C ALA B 463 9.56 3.96 -5.76
N MET B 464 8.47 3.26 -6.09
CA MET B 464 7.64 3.67 -7.21
C MET B 464 6.78 4.89 -6.85
N LEU B 465 6.40 5.04 -5.59
CA LEU B 465 5.70 6.27 -5.18
C LEU B 465 6.63 7.47 -5.26
N TYR B 466 7.87 7.32 -4.79
CA TYR B 466 8.83 8.41 -4.91
C TYR B 466 9.08 8.77 -6.36
N GLY B 467 9.21 7.76 -7.23
CA GLY B 467 9.41 8.02 -8.64
C GLY B 467 8.18 8.54 -9.36
N SER B 468 7.01 8.49 -8.71
CA SER B 468 5.79 9.00 -9.31
C SER B 468 5.53 10.47 -8.99
N PHE B 469 6.36 11.09 -8.16
CA PHE B 469 6.17 12.48 -7.76
C PHE B 469 7.35 13.38 -8.08
N PHE B 470 8.58 12.86 -8.11
CA PHE B 470 9.79 13.66 -8.25
C PHE B 470 10.62 13.15 -9.41
N MET B 471 9.97 12.90 -10.55
CA MET B 471 10.62 12.30 -11.71
C MET B 471 10.26 13.13 -12.93
N HIS B 472 10.53 14.43 -12.85
CA HIS B 472 10.44 15.26 -14.04
C HIS B 472 11.73 15.14 -14.85
N ARG B 473 11.67 15.62 -16.10
CA ARG B 473 12.84 15.63 -16.95
C ARG B 473 13.89 16.60 -16.41
N GLY B 474 15.16 16.24 -16.61
CA GLY B 474 16.26 17.11 -16.24
C GLY B 474 16.71 17.00 -14.81
N VAL B 475 16.06 16.18 -13.99
CA VAL B 475 16.46 16.01 -12.60
C VAL B 475 17.83 15.35 -12.56
N PRO B 476 18.65 15.61 -11.53
CA PRO B 476 19.99 15.01 -11.50
C PRO B 476 19.95 13.51 -11.29
N TYR B 477 21.12 12.87 -11.29
CA TYR B 477 21.20 11.42 -11.20
C TYR B 477 21.23 10.92 -9.76
N PHE B 478 22.16 11.43 -8.95
CA PHE B 478 22.37 10.86 -7.63
C PHE B 478 21.15 10.96 -6.72
N PRO B 479 20.50 12.12 -6.55
CA PRO B 479 19.41 12.18 -5.57
C PRO B 479 18.09 11.62 -6.08
N ASN B 480 17.87 11.58 -7.40
CA ASN B 480 16.58 11.22 -7.94
C ASN B 480 16.54 9.86 -8.62
N LEU B 481 17.69 9.32 -9.02
CA LEU B 481 17.73 8.04 -9.73
C LEU B 481 18.48 6.96 -8.97
N VAL B 482 19.58 7.31 -8.31
CA VAL B 482 20.31 6.29 -7.56
C VAL B 482 19.46 5.76 -6.42
N MET B 483 18.73 6.63 -5.74
CA MET B 483 18.00 6.19 -4.54
C MET B 483 16.80 5.32 -4.90
N PRO B 484 15.83 5.76 -5.70
CA PRO B 484 14.69 4.88 -5.98
C PRO B 484 15.07 3.59 -6.68
N ILE B 485 16.09 3.60 -7.55
CA ILE B 485 16.54 2.38 -8.18
C ILE B 485 17.15 1.43 -7.15
N VAL B 486 17.96 1.97 -6.24
CA VAL B 486 18.59 1.13 -5.23
C VAL B 486 17.55 0.58 -4.27
N VAL B 487 16.64 1.43 -3.80
CA VAL B 487 15.61 0.97 -2.87
C VAL B 487 14.67 -0.03 -3.56
N GLY B 488 14.29 0.25 -4.80
CA GLY B 488 13.42 -0.66 -5.52
C GLY B 488 14.09 -2.00 -5.80
N GLY B 489 15.39 -1.97 -6.10
CA GLY B 489 16.10 -3.22 -6.38
C GLY B 489 16.11 -4.15 -5.18
N ILE B 490 16.35 -3.61 -3.99
CA ILE B 490 16.35 -4.43 -2.78
C ILE B 490 14.96 -5.01 -2.54
N GLY B 491 13.92 -4.23 -2.84
CA GLY B 491 12.57 -4.76 -2.69
C GLY B 491 12.28 -5.89 -3.65
N ILE B 492 12.68 -5.73 -4.92
CA ILE B 492 12.50 -6.80 -5.90
C ILE B 492 13.36 -8.01 -5.52
N GLY B 493 14.60 -7.78 -5.10
CA GLY B 493 15.47 -8.89 -4.74
C GLY B 493 14.93 -9.68 -3.57
N MET B 494 14.38 -8.99 -2.56
CA MET B 494 13.88 -9.68 -1.38
C MET B 494 12.66 -10.54 -1.70
N ALA B 495 11.79 -10.05 -2.58
CA ALA B 495 10.54 -10.74 -2.87
C ALA B 495 10.69 -11.87 -3.88
N VAL B 496 11.74 -11.85 -4.70
CA VAL B 496 11.89 -12.85 -5.75
C VAL B 496 12.22 -14.21 -5.16
N VAL B 497 13.16 -14.25 -4.20
CA VAL B 497 13.63 -15.53 -3.67
C VAL B 497 12.50 -16.31 -2.98
N PRO B 498 11.72 -15.73 -2.07
CA PRO B 498 10.61 -16.51 -1.48
C PRO B 498 9.60 -17.01 -2.49
N LEU B 499 9.30 -16.22 -3.52
CA LEU B 499 8.33 -16.65 -4.52
C LEU B 499 8.86 -17.83 -5.33
N THR B 500 10.14 -17.79 -5.70
CA THR B 500 10.71 -18.89 -6.47
C THR B 500 10.73 -20.17 -5.66
N LEU B 501 11.10 -20.08 -4.38
CA LEU B 501 11.15 -21.27 -3.54
C LEU B 501 9.77 -21.87 -3.33
N SER B 502 8.77 -21.03 -3.10
CA SER B 502 7.42 -21.54 -2.89
C SER B 502 6.80 -22.05 -4.19
N ALA B 503 7.26 -21.57 -5.34
CA ALA B 503 6.77 -22.08 -6.61
C ALA B 503 7.18 -23.53 -6.81
N ILE B 504 8.41 -23.88 -6.42
CA ILE B 504 8.96 -25.22 -6.63
C ILE B 504 8.90 -26.05 -5.35
N ALA B 505 8.03 -25.69 -4.41
CA ALA B 505 8.01 -26.31 -3.10
C ALA B 505 7.10 -27.54 -3.09
N GLY B 506 7.66 -28.67 -2.68
CA GLY B 506 6.90 -29.88 -2.47
C GLY B 506 6.18 -30.39 -3.71
N VAL B 507 6.93 -30.83 -4.71
CA VAL B 507 6.36 -31.33 -5.95
C VAL B 507 6.80 -32.77 -6.18
N GLY B 508 8.11 -32.99 -6.27
CA GLY B 508 8.67 -34.29 -6.53
C GLY B 508 9.70 -34.19 -7.63
N PHE B 509 9.95 -35.32 -8.29
CA PHE B 509 10.81 -35.38 -9.48
C PHE B 509 10.07 -35.77 -10.74
N ASP B 510 8.93 -36.46 -10.61
CA ASP B 510 8.11 -36.80 -11.77
C ASP B 510 7.16 -35.69 -12.17
N GLN B 511 7.02 -34.64 -11.34
CA GLN B 511 6.12 -33.53 -11.62
C GLN B 511 6.81 -32.18 -11.50
N ILE B 512 8.13 -32.15 -11.40
CA ILE B 512 8.85 -30.88 -11.30
C ILE B 512 9.09 -30.26 -12.66
N GLY B 513 9.12 -31.07 -13.73
CA GLY B 513 9.28 -30.56 -15.06
C GLY B 513 8.18 -29.58 -15.44
N PRO B 514 6.94 -30.06 -15.57
CA PRO B 514 5.85 -29.16 -15.96
C PRO B 514 5.59 -28.02 -14.99
N VAL B 515 5.80 -28.23 -13.69
CA VAL B 515 5.54 -27.17 -12.72
C VAL B 515 6.52 -26.02 -12.91
N SER B 516 7.76 -26.33 -13.24
CA SER B 516 8.74 -25.28 -13.54
C SER B 516 8.39 -24.56 -14.85
N ALA B 517 7.89 -25.31 -15.84
CA ALA B 517 7.49 -24.69 -17.10
C ALA B 517 6.33 -23.74 -16.90
N ILE B 518 5.35 -24.13 -16.07
CA ILE B 518 4.18 -23.29 -15.85
C ILE B 518 4.56 -22.03 -15.11
N ALA B 519 5.50 -22.11 -14.18
CA ALA B 519 5.95 -20.93 -13.46
C ALA B 519 6.58 -19.92 -14.40
N LEU B 520 7.44 -20.39 -15.32
CA LEU B 520 7.97 -19.51 -16.36
C LEU B 520 6.88 -19.03 -17.31
N MET B 521 5.97 -19.92 -17.71
CA MET B 521 4.96 -19.53 -18.69
C MET B 521 4.01 -18.48 -18.12
N LEU B 522 3.61 -18.64 -16.85
CA LEU B 522 2.71 -17.65 -16.26
C LEU B 522 3.42 -16.33 -16.00
N GLN B 523 4.72 -16.38 -15.66
CA GLN B 523 5.48 -15.15 -15.50
C GLN B 523 5.50 -14.35 -16.79
N SER B 524 5.74 -15.01 -17.92
CA SER B 524 5.80 -14.32 -19.21
C SER B 524 4.43 -13.96 -19.73
N LEU B 525 3.41 -14.77 -19.46
CA LEU B 525 2.07 -14.49 -19.95
C LEU B 525 1.48 -13.25 -19.29
N GLY B 526 1.82 -12.99 -18.03
CA GLY B 526 1.27 -11.85 -17.33
C GLY B 526 1.85 -10.51 -17.77
N GLY B 527 2.93 -10.52 -18.55
CA GLY B 527 3.53 -9.30 -19.01
C GLY B 527 2.62 -8.50 -19.91
N PRO B 528 2.29 -9.04 -21.08
CA PRO B 528 1.45 -8.29 -22.01
C PRO B 528 0.08 -7.91 -21.46
N LEU B 529 -0.51 -8.76 -20.61
CA LEU B 529 -1.87 -8.50 -20.15
C LEU B 529 -1.92 -7.24 -19.29
N VAL B 530 -1.03 -7.15 -18.31
CA VAL B 530 -1.01 -5.96 -17.45
C VAL B 530 -0.49 -4.76 -18.22
N LEU B 531 0.55 -4.96 -19.04
CA LEU B 531 1.14 -3.84 -19.78
C LEU B 531 0.15 -3.25 -20.77
N ALA B 532 -0.75 -4.06 -21.32
CA ALA B 532 -1.76 -3.52 -22.23
C ALA B 532 -2.66 -2.53 -21.52
N VAL B 533 -3.06 -2.83 -20.29
CA VAL B 533 -3.89 -1.90 -19.52
C VAL B 533 -3.09 -0.64 -19.20
N ILE B 534 -1.81 -0.78 -18.82
CA ILE B 534 -1.01 0.37 -18.45
C ILE B 534 -0.82 1.29 -19.64
N GLN B 535 -0.47 0.73 -20.81
CA GLN B 535 -0.24 1.56 -21.98
C GLN B 535 -1.49 2.32 -22.39
N ALA B 536 -2.67 1.73 -22.18
CA ALA B 536 -3.90 2.45 -22.46
C ALA B 536 -4.04 3.68 -21.58
N VAL B 537 -3.58 3.58 -20.33
CA VAL B 537 -3.64 4.72 -19.42
C VAL B 537 -2.66 5.80 -19.84
N ILE B 538 -1.45 5.41 -20.29
CA ILE B 538 -0.49 6.40 -20.76
C ILE B 538 -1.05 7.14 -21.97
N THR B 539 -1.62 6.40 -22.92
CA THR B 539 -2.16 7.02 -24.12
C THR B 539 -3.36 7.89 -23.81
N SER B 540 -4.24 7.43 -22.91
CA SER B 540 -5.44 8.20 -22.58
C SER B 540 -5.08 9.53 -21.94
N ARG B 541 -4.14 9.53 -20.99
CA ARG B 541 -3.80 10.77 -20.31
C ARG B 541 -2.92 11.67 -21.15
N THR B 542 -2.12 11.09 -22.07
CA THR B 542 -1.31 11.92 -22.95
C THR B 542 -2.19 12.79 -23.83
N LEU B 543 -3.34 12.26 -24.28
CA LEU B 543 -4.28 13.07 -25.03
C LEU B 543 -5.02 14.05 -24.12
N TYR B 544 -5.34 13.62 -22.89
CA TYR B 544 -6.05 14.50 -21.96
C TYR B 544 -5.22 15.73 -21.63
N LEU B 545 -3.94 15.53 -21.33
CA LEU B 545 -3.06 16.65 -21.03
C LEU B 545 -2.66 17.45 -22.27
N GLY B 546 -2.91 16.92 -23.47
CA GLY B 546 -2.52 17.56 -24.71
C GLY B 546 -1.28 16.91 -25.28
N GLY B 547 -1.45 16.03 -26.25
CA GLY B 547 -0.33 15.29 -26.79
C GLY B 547 -0.73 14.56 -28.05
N THR B 548 0.27 13.99 -28.71
CA THR B 548 0.12 13.32 -29.99
C THR B 548 0.56 11.87 -29.86
N THR B 549 -0.09 10.98 -30.61
CA THR B 549 0.19 9.56 -30.56
C THR B 549 1.20 9.13 -31.63
N GLY B 550 2.09 10.03 -32.02
CA GLY B 550 3.08 9.73 -33.03
C GLY B 550 4.40 9.33 -32.40
N PRO B 551 5.50 9.44 -33.13
CA PRO B 551 6.80 9.14 -32.55
C PRO B 551 7.37 10.33 -31.80
N VAL B 552 8.22 10.01 -30.81
CA VAL B 552 8.79 11.03 -29.96
C VAL B 552 9.70 11.98 -30.73
N LYS B 553 10.28 11.53 -31.84
CA LYS B 553 11.25 12.35 -32.57
C LYS B 553 10.63 13.65 -33.08
N PHE B 554 9.31 13.70 -33.26
CA PHE B 554 8.60 14.94 -33.59
C PHE B 554 7.69 15.28 -32.41
N MET B 555 8.16 16.18 -31.54
CA MET B 555 7.35 16.65 -30.43
C MET B 555 7.66 18.13 -30.22
N ASN B 556 6.71 18.82 -29.60
CA ASN B 556 6.72 20.27 -29.55
C ASN B 556 7.27 20.82 -28.24
N ASP B 557 7.85 19.96 -27.39
CA ASP B 557 8.42 20.32 -26.09
C ASP B 557 7.32 20.68 -25.08
N VAL B 558 6.08 20.77 -25.55
CA VAL B 558 4.92 20.83 -24.68
C VAL B 558 4.07 19.56 -24.80
N GLN B 559 3.96 18.99 -26.00
CA GLN B 559 3.45 17.64 -26.13
C GLN B 559 4.39 16.63 -25.48
N LEU B 560 5.68 16.95 -25.45
CA LEU B 560 6.64 16.08 -24.78
C LEU B 560 6.55 16.19 -23.27
N ALA B 561 6.16 17.36 -22.76
CA ALA B 561 5.89 17.48 -21.33
C ALA B 561 4.65 16.69 -20.93
N ALA B 562 3.64 16.65 -21.80
CA ALA B 562 2.46 15.84 -21.53
C ALA B 562 2.81 14.37 -21.45
N LEU B 563 3.67 13.89 -22.34
CA LEU B 563 4.12 12.52 -22.28
C LEU B 563 4.91 12.26 -20.99
N ASP B 564 5.68 13.25 -20.55
CA ASP B 564 6.44 13.11 -19.31
C ASP B 564 5.50 12.90 -18.13
N HIS B 565 4.41 13.67 -18.08
CA HIS B 565 3.46 13.51 -16.97
C HIS B 565 2.55 12.30 -17.16
N ALA B 566 2.43 11.79 -18.38
CA ALA B 566 1.64 10.58 -18.59
C ALA B 566 2.37 9.36 -18.04
N TYR B 567 3.67 9.24 -18.32
CA TYR B 567 4.44 8.11 -17.78
C TYR B 567 4.46 8.14 -16.26
N THR B 568 4.69 9.31 -15.68
CA THR B 568 4.72 9.43 -14.23
C THR B 568 3.36 9.10 -13.62
N TYR B 569 2.27 9.35 -14.35
CA TYR B 569 0.95 9.03 -13.84
C TYR B 569 0.69 7.53 -13.87
N GLY B 570 1.10 6.86 -14.95
CA GLY B 570 0.91 5.42 -15.05
C GLY B 570 1.70 4.64 -14.02
N LEU B 571 2.75 5.22 -13.47
CA LEU B 571 3.49 4.55 -12.41
C LEU B 571 2.63 4.33 -11.18
N LEU B 572 1.63 5.18 -10.96
CA LEU B 572 0.67 4.94 -9.89
C LEU B 572 -0.18 3.71 -10.18
N TRP B 573 -0.57 3.52 -11.45
CA TRP B 573 -1.34 2.35 -11.83
C TRP B 573 -0.52 1.08 -11.63
N VAL B 574 0.77 1.12 -11.96
CA VAL B 574 1.64 -0.01 -11.66
C VAL B 574 1.69 -0.25 -10.16
N ALA B 575 1.67 0.83 -9.37
CA ALA B 575 1.64 0.69 -7.91
C ALA B 575 0.32 0.08 -7.46
N GLY B 576 -0.78 0.44 -8.10
CA GLY B 576 -2.05 -0.19 -7.76
C GLY B 576 -2.06 -1.68 -8.03
N ALA B 577 -1.44 -2.10 -9.14
CA ALA B 577 -1.33 -3.53 -9.43
C ALA B 577 -0.46 -4.22 -8.40
N ALA B 578 0.63 -3.58 -7.97
CA ALA B 578 1.50 -4.17 -6.96
C ALA B 578 0.77 -4.37 -5.64
N ILE B 579 -0.18 -3.50 -5.32
CA ILE B 579 -0.99 -3.68 -4.12
C ILE B 579 -1.83 -4.95 -4.23
N ILE B 580 -2.40 -5.20 -5.41
CA ILE B 580 -3.18 -6.42 -5.61
C ILE B 580 -2.29 -7.65 -5.51
N VAL B 581 -1.05 -7.55 -5.98
CA VAL B 581 -0.13 -8.68 -5.87
C VAL B 581 0.14 -8.99 -4.41
N GLY B 582 0.41 -7.96 -3.61
CA GLY B 582 0.57 -8.16 -2.18
C GLY B 582 -0.70 -8.63 -1.52
N GLY B 583 -1.85 -8.30 -2.10
CA GLY B 583 -3.12 -8.72 -1.52
C GLY B 583 -3.27 -10.23 -1.51
N MET B 584 -2.92 -10.88 -2.62
CA MET B 584 -2.96 -12.34 -2.71
C MET B 584 -1.68 -13.00 -2.24
N ALA B 585 -0.62 -12.22 -1.96
CA ALA B 585 0.52 -12.79 -1.27
C ALA B 585 0.19 -13.14 0.18
N LEU B 586 -0.84 -12.50 0.75
CA LEU B 586 -1.26 -12.80 2.12
C LEU B 586 -1.92 -14.17 2.25
N PHE B 587 -2.24 -14.83 1.14
CA PHE B 587 -2.87 -16.15 1.16
C PHE B 587 -1.86 -17.27 0.88
N ILE B 588 -0.57 -16.96 0.81
CA ILE B 588 0.42 -17.97 0.46
C ILE B 588 0.49 -19.04 1.54
N GLY B 589 0.65 -18.63 2.79
CA GLY B 589 0.51 -19.55 3.90
C GLY B 589 1.52 -20.67 3.97
N TYR B 590 2.64 -20.57 3.26
CA TYR B 590 3.71 -21.55 3.39
C TYR B 590 4.57 -21.21 4.61
N THR B 591 4.84 -22.20 5.43
CA THR B 591 5.81 -22.04 6.50
C THR B 591 7.22 -22.20 5.95
N PRO B 592 8.24 -21.68 6.64
CA PRO B 592 9.61 -21.84 6.15
C PRO B 592 10.13 -23.27 6.24
N GLN B 593 9.40 -24.20 6.85
CA GLN B 593 9.84 -25.59 6.87
C GLN B 593 9.61 -26.25 5.52
N GLN B 594 8.56 -25.87 4.81
CA GLN B 594 8.26 -26.51 3.53
C GLN B 594 9.21 -26.06 2.44
N VAL B 595 9.60 -24.78 2.46
CA VAL B 595 10.29 -24.17 1.33
C VAL B 595 11.80 -24.10 1.54
N ALA B 596 12.27 -23.90 2.77
CA ALA B 596 13.68 -23.64 3.00
C ALA B 596 14.21 -24.42 4.20
N HIS B 597 13.89 -25.70 4.29
CA HIS B 597 14.39 -26.53 5.38
C HIS B 597 14.53 -27.96 4.92
N ALA B 598 15.38 -28.70 5.63
CA ALA B 598 15.57 -30.12 5.36
C ALA B 598 16.10 -30.36 3.95
#